data_6LIR
#
_entry.id   6LIR
#
_cell.length_a   77.430
_cell.length_b   83.097
_cell.length_c   82.416
_cell.angle_alpha   90.000
_cell.angle_beta   117.716
_cell.angle_gamma   90.000
#
_symmetry.space_group_name_H-M   'P 1 21 1'
#
loop_
_entity.id
_entity.type
_entity.pdbx_description
1 polymer 'TCR alpha chain'
2 polymer 'TCR beta chain'
3 water water
#
loop_
_entity_poly.entity_id
_entity_poly.type
_entity_poly.pdbx_seq_one_letter_code
_entity_poly.pdbx_strand_id
1 'polypeptide(L)'
;QVQQEPSAETSEGTGINITCSHPSIQAYSIQWYRQLPGRGPAFLVSAVKGSKEVPDPEGRLSVSADSRSSALWLARPRLG
DAAVYYCAVRGSSYTKLTFGTGTRLSVQPHITPSPSVYRLTSEDNKNLEMCLITDYSPEKLDLSSVDSKTETVVEVATSE
NKHEASYLSTYWAKKDEMQCGAKHEGFGILKGDDPEAGASTVCITGMSLLFKTDENLN
;
A,C
2 'polypeptide(L)'
;EINQPSILVLKEDENATLSCRQNDNHDYMSWYLQQPGKGLQLIYSSYGVKQENKGDIHTGYEAKRSSQEVFHLDIISAKK
NHSAIYFCASSSYKGNTPLNFGQGTRLTVLGKNSEIIEPDVVIFSPSKQEIQEKKKATLVCLASGFFPDHLNLVWKVNGV
KRTEGVGTDEISTSNGSTYSLTSRLRISAQEWFNPLNRFECIANFFKNGTQQSIQKIIYGDTGCDIFKENYQRSATAGK
;
B,D
#
# COMPACT_ATOMS: atom_id res chain seq x y z
N GLN A 1 26.40 -30.36 -10.45
CA GLN A 1 25.98 -31.74 -10.71
C GLN A 1 24.91 -31.80 -11.80
N VAL A 2 23.96 -30.86 -11.74
CA VAL A 2 22.89 -30.77 -12.72
C VAL A 2 23.14 -29.49 -13.51
N GLN A 3 23.59 -29.65 -14.76
CA GLN A 3 24.07 -28.53 -15.57
C GLN A 3 23.04 -28.07 -16.58
N GLN A 4 22.94 -26.75 -16.72
CA GLN A 4 22.06 -26.11 -17.69
C GLN A 4 22.80 -24.94 -18.32
N GLU A 5 22.45 -24.62 -19.55
CA GLU A 5 23.03 -23.45 -20.17
C GLU A 5 22.50 -22.20 -19.46
N PRO A 6 23.36 -21.22 -19.17
CA PRO A 6 22.92 -20.05 -18.39
C PRO A 6 21.78 -19.28 -19.05
N SER A 7 21.78 -19.16 -20.38
CA SER A 7 20.75 -18.37 -21.03
C SER A 7 20.43 -18.96 -22.40
N ALA A 8 19.25 -18.60 -22.89
CA ALA A 8 18.78 -19.00 -24.21
C ALA A 8 17.93 -17.87 -24.76
N GLU A 9 17.84 -17.80 -26.09
CA GLU A 9 17.05 -16.77 -26.72
C GLU A 9 16.39 -17.32 -27.98
N THR A 10 15.20 -16.80 -28.26
CA THR A 10 14.42 -17.25 -29.41
C THR A 10 13.46 -16.15 -29.78
N SER A 11 13.02 -16.17 -31.03
CA SER A 11 12.00 -15.23 -31.48
C SER A 11 10.63 -15.84 -31.25
N GLU A 12 9.64 -14.96 -31.07
CA GLU A 12 8.27 -15.37 -30.85
C GLU A 12 7.81 -16.34 -31.93
N GLY A 13 7.25 -17.47 -31.50
CA GLY A 13 6.79 -18.50 -32.41
C GLY A 13 7.85 -19.47 -32.89
N THR A 14 9.12 -19.20 -32.66
CA THR A 14 10.20 -20.10 -33.03
C THR A 14 10.54 -20.98 -31.83
N GLY A 15 10.29 -22.29 -31.97
CA GLY A 15 10.55 -23.21 -30.88
C GLY A 15 11.99 -23.23 -30.44
N ILE A 16 12.21 -23.62 -29.18
CA ILE A 16 13.56 -23.68 -28.63
C ILE A 16 13.66 -24.83 -27.64
N ASN A 17 14.83 -25.45 -27.63
CA ASN A 17 15.16 -26.59 -26.79
C ASN A 17 15.99 -26.12 -25.59
N ILE A 18 15.60 -26.54 -24.39
CA ILE A 18 16.35 -26.21 -23.19
C ILE A 18 16.86 -27.53 -22.61
N THR A 19 18.18 -27.69 -22.60
CA THR A 19 18.80 -28.95 -22.19
C THR A 19 19.06 -28.98 -20.69
N CYS A 20 19.34 -30.19 -20.20
CA CYS A 20 19.70 -30.41 -18.80
C CYS A 20 20.52 -31.69 -18.75
N SER A 21 21.74 -31.59 -18.25
CA SER A 21 22.71 -32.68 -18.27
C SER A 21 23.16 -32.97 -16.84
N HIS A 22 23.05 -34.24 -16.45
CA HIS A 22 23.49 -34.69 -15.12
C HIS A 22 24.15 -36.06 -15.25
N PRO A 23 25.37 -36.11 -15.77
CA PRO A 23 26.02 -37.41 -16.02
C PRO A 23 26.18 -38.27 -14.78
N SER A 24 26.34 -37.65 -13.61
CA SER A 24 26.58 -38.40 -12.38
C SER A 24 25.29 -38.84 -11.70
N ILE A 25 24.12 -38.54 -12.26
CA ILE A 25 22.85 -38.89 -11.65
C ILE A 25 22.01 -39.61 -12.68
N GLN A 26 21.58 -40.83 -12.35
CA GLN A 26 20.69 -41.61 -13.20
C GLN A 26 19.31 -41.40 -12.62
N ALA A 27 18.56 -40.48 -13.24
CA ALA A 27 17.34 -39.95 -12.66
C ALA A 27 16.30 -41.02 -12.42
N TYR A 28 15.71 -41.01 -11.22
CA TYR A 28 14.49 -41.76 -10.99
C TYR A 28 13.30 -41.00 -11.55
N SER A 29 13.30 -39.68 -11.40
CA SER A 29 12.26 -38.83 -11.94
C SER A 29 12.87 -37.47 -12.27
N ILE A 30 12.30 -36.81 -13.26
CA ILE A 30 12.79 -35.52 -13.71
C ILE A 30 11.61 -34.55 -13.71
N GLN A 31 11.83 -33.36 -13.18
CA GLN A 31 10.83 -32.31 -13.15
C GLN A 31 11.43 -31.04 -13.73
N TRP A 32 10.56 -30.19 -14.24
CA TRP A 32 10.97 -28.91 -14.78
C TRP A 32 10.08 -27.83 -14.18
N TYR A 33 10.70 -26.70 -13.87
CA TYR A 33 10.02 -25.56 -13.29
C TYR A 33 10.42 -24.32 -14.08
N ARG A 34 9.63 -23.27 -13.95
CA ARG A 34 9.98 -21.99 -14.54
C ARG A 34 9.66 -20.89 -13.54
N GLN A 35 10.56 -19.92 -13.46
CA GLN A 35 10.43 -18.82 -12.52
C GLN A 35 10.25 -17.54 -13.34
N LEU A 36 9.02 -17.06 -13.38
CA LEU A 36 8.68 -15.81 -14.03
C LEU A 36 9.09 -14.63 -13.15
N PRO A 37 9.39 -13.48 -13.75
CA PRO A 37 9.76 -12.30 -12.96
C PRO A 37 8.71 -11.96 -11.92
N GLY A 38 9.17 -11.71 -10.70
CA GLY A 38 8.33 -11.42 -9.56
C GLY A 38 7.52 -12.61 -9.10
N ARG A 39 8.06 -13.81 -9.21
CA ARG A 39 7.37 -15.03 -8.82
C ARG A 39 8.42 -16.08 -8.45
N GLY A 40 7.97 -17.14 -7.81
CA GLY A 40 8.84 -18.24 -7.47
C GLY A 40 8.68 -19.36 -8.49
N PRO A 41 9.63 -20.30 -8.51
CA PRO A 41 9.56 -21.41 -9.47
C PRO A 41 8.19 -22.07 -9.48
N ALA A 42 7.69 -22.33 -10.68
CA ALA A 42 6.38 -22.95 -10.84
C ALA A 42 6.51 -24.24 -11.64
N PHE A 43 5.80 -25.28 -11.18
CA PHE A 43 5.88 -26.60 -11.77
C PHE A 43 5.34 -26.61 -13.19
N LEU A 44 6.06 -27.28 -14.10
CA LEU A 44 5.62 -27.41 -15.49
C LEU A 44 5.26 -28.83 -15.86
N VAL A 45 6.17 -29.80 -15.63
CA VAL A 45 5.95 -31.17 -16.05
C VAL A 45 6.89 -32.07 -15.27
N SER A 46 6.52 -33.35 -15.15
CA SER A 46 7.35 -34.35 -14.52
C SER A 46 7.25 -35.65 -15.30
N ALA A 47 8.36 -36.35 -15.43
CA ALA A 47 8.38 -37.63 -16.13
C ALA A 47 9.44 -38.54 -15.54
N VAL A 48 9.26 -39.84 -15.74
CA VAL A 48 10.26 -40.83 -15.34
C VAL A 48 11.02 -41.38 -16.54
N LYS A 49 10.43 -41.38 -17.73
CA LYS A 49 11.11 -41.87 -18.94
C LYS A 49 10.36 -41.37 -20.16
N GLY A 50 10.97 -41.59 -21.32
CA GLY A 50 10.43 -41.25 -22.63
C GLY A 50 10.11 -39.77 -22.79
N SER A 51 9.07 -39.49 -23.56
CA SER A 51 8.66 -38.13 -23.88
C SER A 51 7.27 -37.85 -23.32
N LYS A 52 7.07 -36.64 -22.80
CA LYS A 52 5.80 -36.27 -22.21
C LYS A 52 5.39 -34.88 -22.67
N GLU A 53 4.14 -34.76 -23.09
CA GLU A 53 3.56 -33.49 -23.50
C GLU A 53 3.45 -32.53 -22.33
N VAL A 54 3.65 -31.24 -22.61
CA VAL A 54 3.58 -30.19 -21.60
C VAL A 54 2.41 -29.32 -21.94
N PRO A 55 1.47 -29.10 -21.01
CA PRO A 55 0.32 -28.22 -21.32
C PRO A 55 0.72 -26.77 -21.53
N ASP A 56 1.53 -26.23 -20.63
CA ASP A 56 1.84 -24.81 -20.64
C ASP A 56 3.23 -24.60 -20.04
N PRO A 57 4.20 -24.08 -20.80
CA PRO A 57 4.09 -23.66 -22.21
C PRO A 57 4.09 -24.86 -23.14
N GLU A 58 3.21 -24.83 -24.14
CA GLU A 58 3.08 -25.89 -25.12
C GLU A 58 4.43 -26.45 -25.55
N GLY A 59 4.58 -27.76 -25.48
CA GLY A 59 5.82 -28.38 -25.89
C GLY A 59 5.90 -29.81 -25.39
N ARG A 60 7.13 -30.28 -25.20
CA ARG A 60 7.33 -31.68 -24.88
C ARG A 60 8.66 -31.85 -24.16
N LEU A 61 8.63 -32.66 -23.10
CA LEU A 61 9.81 -33.05 -22.36
C LEU A 61 10.24 -34.44 -22.82
N SER A 62 11.53 -34.59 -23.12
CA SER A 62 12.09 -35.86 -23.55
C SER A 62 13.23 -36.24 -22.62
N VAL A 63 13.14 -37.42 -22.02
CA VAL A 63 14.15 -37.95 -21.11
C VAL A 63 15.02 -38.94 -21.88
N SER A 64 16.33 -38.79 -21.76
CA SER A 64 17.27 -39.68 -22.45
C SER A 64 17.08 -41.12 -21.99
N ALA A 65 17.44 -42.05 -22.89
CA ALA A 65 17.27 -43.47 -22.60
C ALA A 65 17.99 -43.88 -21.31
N ASP A 66 19.18 -43.32 -21.07
CA ASP A 66 19.94 -43.65 -19.87
C ASP A 66 19.53 -42.82 -18.66
N SER A 67 18.54 -41.93 -18.82
CA SER A 67 18.03 -41.09 -17.73
C SER A 67 19.10 -40.21 -17.09
N ARG A 68 20.13 -39.86 -17.85
CA ARG A 68 21.17 -38.97 -17.33
C ARG A 68 21.11 -37.59 -17.97
N SER A 69 20.02 -37.27 -18.67
CA SER A 69 19.83 -35.97 -19.29
C SER A 69 18.37 -35.88 -19.73
N SER A 70 17.93 -34.64 -19.95
CA SER A 70 16.59 -34.40 -20.48
C SER A 70 16.60 -33.09 -21.25
N ALA A 71 15.50 -32.83 -21.95
CA ALA A 71 15.38 -31.64 -22.77
C ALA A 71 13.92 -31.18 -22.75
N LEU A 72 13.73 -29.90 -22.50
CA LEU A 72 12.41 -29.27 -22.52
C LEU A 72 12.27 -28.50 -23.82
N TRP A 73 11.35 -28.93 -24.67
CA TRP A 73 11.09 -28.28 -25.96
C TRP A 73 9.86 -27.41 -25.80
N LEU A 74 10.02 -26.10 -26.05
CA LEU A 74 8.90 -25.18 -26.10
C LEU A 74 8.50 -25.00 -27.56
N ALA A 75 7.29 -25.40 -27.91
CA ALA A 75 6.92 -25.47 -29.32
C ALA A 75 6.53 -24.12 -29.90
N ARG A 76 6.05 -23.21 -29.07
CA ARG A 76 5.52 -21.95 -29.57
C ARG A 76 5.75 -20.81 -28.60
N PRO A 77 7.00 -20.49 -28.26
CA PRO A 77 7.26 -19.52 -27.20
C PRO A 77 6.68 -18.15 -27.54
N ARG A 78 6.02 -17.56 -26.54
CA ARG A 78 5.56 -16.18 -26.63
C ARG A 78 6.26 -15.35 -25.57
N LEU A 79 6.04 -14.04 -25.63
CA LEU A 79 6.72 -13.11 -24.73
C LEU A 79 6.50 -13.52 -23.27
N GLY A 80 5.32 -14.03 -22.95
CA GLY A 80 5.02 -14.46 -21.59
C GLY A 80 5.80 -15.69 -21.14
N ASP A 81 6.48 -16.37 -22.06
CA ASP A 81 7.26 -17.56 -21.72
C ASP A 81 8.70 -17.23 -21.36
N ALA A 82 9.08 -15.96 -21.38
CA ALA A 82 10.41 -15.56 -20.95
C ALA A 82 10.52 -15.75 -19.43
N ALA A 83 11.40 -16.65 -19.02
CA ALA A 83 11.56 -16.97 -17.62
C ALA A 83 12.87 -17.74 -17.45
N VAL A 84 13.17 -18.08 -16.20
CA VAL A 84 14.30 -18.93 -15.88
C VAL A 84 13.74 -20.33 -15.70
N TYR A 85 14.21 -21.26 -16.53
CA TYR A 85 13.70 -22.62 -16.54
C TYR A 85 14.67 -23.54 -15.80
N TYR A 86 14.14 -24.26 -14.81
CA TYR A 86 14.93 -25.12 -13.95
C TYR A 86 14.56 -26.58 -14.19
N CYS A 87 15.57 -27.43 -14.30
CA CYS A 87 15.33 -28.87 -14.21
C CYS A 87 15.72 -29.31 -12.81
N ALA A 88 15.00 -30.33 -12.32
CA ALA A 88 15.25 -30.90 -11.00
C ALA A 88 15.13 -32.40 -11.12
N VAL A 89 16.15 -33.12 -10.66
CA VAL A 89 16.20 -34.56 -10.84
C VAL A 89 16.32 -35.25 -9.49
N ARG A 90 15.86 -36.49 -9.43
CA ARG A 90 15.95 -37.31 -8.24
C ARG A 90 16.64 -38.61 -8.60
N GLY A 91 17.66 -38.97 -7.82
CA GLY A 91 18.40 -40.19 -8.06
C GLY A 91 17.62 -41.42 -7.68
N SER A 92 16.67 -41.28 -6.76
CA SER A 92 15.87 -42.39 -6.27
C SER A 92 14.53 -41.84 -5.82
N SER A 93 13.57 -42.75 -5.64
CA SER A 93 12.27 -42.34 -5.11
C SER A 93 12.41 -41.60 -3.78
N TYR A 94 13.32 -42.05 -2.92
CA TYR A 94 13.41 -41.58 -1.54
C TYR A 94 14.45 -40.48 -1.30
N THR A 95 15.27 -40.15 -2.28
CA THR A 95 16.42 -39.28 -2.05
C THR A 95 16.13 -37.84 -2.46
N LYS A 96 17.17 -37.02 -2.33
CA LYS A 96 17.05 -35.59 -2.49
C LYS A 96 16.76 -35.16 -3.93
N LEU A 97 15.94 -34.13 -4.06
CA LEU A 97 15.77 -33.46 -5.33
C LEU A 97 16.92 -32.48 -5.52
N THR A 98 17.54 -32.50 -6.70
CA THR A 98 18.66 -31.63 -6.99
C THR A 98 18.32 -30.77 -8.19
N PHE A 99 18.38 -29.45 -8.01
CA PHE A 99 18.01 -28.50 -9.04
C PHE A 99 19.19 -28.14 -9.93
N GLY A 100 18.88 -27.84 -11.19
CA GLY A 100 19.87 -27.33 -12.10
C GLY A 100 20.12 -25.85 -11.86
N THR A 101 21.15 -25.33 -12.54
CA THR A 101 21.53 -23.94 -12.38
C THR A 101 20.54 -22.98 -13.02
N GLY A 102 19.62 -23.47 -13.85
CA GLY A 102 18.62 -22.61 -14.45
C GLY A 102 19.05 -22.00 -15.77
N THR A 103 18.14 -21.99 -16.74
CA THR A 103 18.38 -21.38 -18.04
C THR A 103 17.43 -20.21 -18.20
N ARG A 104 17.99 -19.03 -18.45
CA ARG A 104 17.20 -17.80 -18.56
C ARG A 104 16.77 -17.63 -20.01
N LEU A 105 15.49 -17.85 -20.28
CA LEU A 105 14.98 -17.78 -21.64
C LEU A 105 14.50 -16.36 -21.94
N SER A 106 14.94 -15.84 -23.08
CA SER A 106 14.52 -14.55 -23.60
C SER A 106 13.77 -14.80 -24.91
N VAL A 107 12.61 -14.16 -25.05
CA VAL A 107 11.77 -14.35 -26.23
C VAL A 107 11.58 -13.00 -26.89
N GLN A 108 12.07 -12.87 -28.12
CA GLN A 108 12.05 -11.60 -28.83
C GLN A 108 10.83 -11.51 -29.72
N PRO A 109 9.93 -10.58 -29.49
CA PRO A 109 8.77 -10.42 -30.38
C PRO A 109 9.20 -9.90 -31.75
N HIS A 110 8.35 -10.15 -32.73
CA HIS A 110 8.60 -9.63 -34.07
C HIS A 110 8.14 -8.18 -34.10
N ILE A 111 8.98 -7.33 -34.64
CA ILE A 111 8.77 -5.89 -34.55
C ILE A 111 9.06 -5.28 -35.90
N THR A 112 8.31 -4.24 -36.23
CA THR A 112 8.63 -3.41 -37.35
C THR A 112 9.30 -2.17 -36.79
N PRO A 113 10.54 -1.86 -37.16
CA PRO A 113 11.24 -0.77 -36.48
C PRO A 113 10.77 0.57 -37.01
N SER A 114 10.78 1.53 -36.11
CA SER A 114 10.53 2.94 -36.38
C SER A 114 11.16 3.68 -35.20
N PRO A 115 12.48 3.60 -35.07
CA PRO A 115 13.13 4.12 -33.85
C PRO A 115 12.85 5.59 -33.65
N SER A 116 12.53 5.96 -32.42
CA SER A 116 12.36 7.36 -32.05
C SER A 116 12.99 7.57 -30.69
N VAL A 117 13.46 8.78 -30.47
CA VAL A 117 14.12 9.17 -29.23
C VAL A 117 13.40 10.40 -28.69
N TYR A 118 13.24 10.47 -27.37
CA TYR A 118 12.51 11.57 -26.75
C TYR A 118 13.15 11.92 -25.43
N ARG A 119 13.02 13.19 -25.06
CA ARG A 119 13.46 13.70 -23.77
C ARG A 119 12.24 13.92 -22.91
N LEU A 120 12.33 13.52 -21.64
CA LEU A 120 11.23 13.66 -20.72
C LEU A 120 11.68 14.44 -19.49
N THR A 121 10.74 15.15 -18.90
CA THR A 121 10.98 15.84 -17.65
C THR A 121 9.90 15.42 -16.65
N SER A 122 10.20 15.63 -15.38
CA SER A 122 9.30 15.28 -14.29
C SER A 122 9.06 16.50 -13.43
N GLU A 123 7.81 16.68 -13.00
CA GLU A 123 7.47 17.83 -12.17
C GLU A 123 8.07 17.69 -10.78
N ASP A 124 8.30 16.47 -10.32
CA ASP A 124 8.80 16.24 -8.97
C ASP A 124 10.29 16.54 -8.83
N ASN A 125 11.08 16.31 -9.88
CA ASN A 125 12.50 16.67 -9.86
C ASN A 125 12.81 17.35 -11.20
N LYS A 126 12.71 18.68 -11.22
CA LYS A 126 12.88 19.46 -12.45
C LYS A 126 14.32 19.58 -12.92
N ASN A 127 15.30 19.10 -12.15
CA ASN A 127 16.69 19.16 -12.59
C ASN A 127 17.18 17.79 -13.05
N LEU A 128 16.28 17.02 -13.65
CA LEU A 128 16.53 15.67 -14.11
C LEU A 128 15.83 15.47 -15.45
N GLU A 129 16.48 14.73 -16.33
CA GLU A 129 15.93 14.44 -17.66
C GLU A 129 16.06 12.95 -17.94
N MET A 130 15.04 12.38 -18.57
CA MET A 130 15.02 10.97 -18.91
C MET A 130 14.98 10.81 -20.42
N CYS A 131 15.87 9.99 -20.96
CA CYS A 131 15.93 9.74 -22.39
C CYS A 131 15.18 8.45 -22.71
N LEU A 132 14.21 8.53 -23.62
CA LEU A 132 13.42 7.38 -24.00
C LEU A 132 13.64 7.04 -25.47
N ILE A 133 14.11 5.82 -25.73
CA ILE A 133 14.24 5.27 -27.08
C ILE A 133 13.19 4.19 -27.26
N THR A 134 12.35 4.32 -28.29
CA THR A 134 11.22 3.43 -28.49
C THR A 134 11.23 2.80 -29.87
N ASP A 135 10.42 1.74 -30.01
CA ASP A 135 10.06 1.13 -31.29
C ASP A 135 11.27 0.89 -32.20
N TYR A 136 12.34 0.40 -31.60
CA TYR A 136 13.57 0.09 -32.32
C TYR A 136 13.77 -1.41 -32.43
N SER A 137 14.79 -1.81 -33.18
CA SER A 137 15.17 -3.20 -33.27
C SER A 137 16.43 -3.41 -32.44
N PRO A 138 16.41 -4.27 -31.42
CA PRO A 138 17.53 -4.34 -30.47
C PRO A 138 18.90 -4.53 -31.09
N GLU A 139 19.02 -5.37 -32.12
CA GLU A 139 20.33 -5.63 -32.71
C GLU A 139 20.85 -4.48 -33.56
N LYS A 140 19.99 -3.53 -33.94
CA LYS A 140 20.40 -2.41 -34.77
C LYS A 140 20.58 -1.12 -33.99
N LEU A 141 20.10 -1.05 -32.75
CA LEU A 141 20.22 0.18 -31.98
C LEU A 141 21.61 0.29 -31.38
N ASP A 142 22.18 1.49 -31.45
CA ASP A 142 23.52 1.74 -30.92
C ASP A 142 23.40 2.72 -29.77
N LEU A 143 23.63 2.22 -28.56
CA LEU A 143 23.69 3.01 -27.35
C LEU A 143 25.07 2.84 -26.74
N SER A 144 26.07 2.89 -27.62
CA SER A 144 27.46 2.68 -27.24
C SER A 144 27.92 3.71 -26.22
N SER A 145 27.50 4.95 -26.37
CA SER A 145 27.96 6.01 -25.51
C SER A 145 27.26 6.07 -24.16
N VAL A 146 26.51 5.04 -23.78
CA VAL A 146 25.84 5.02 -22.47
C VAL A 146 26.01 3.64 -21.88
N ASP A 147 26.47 3.57 -20.63
CA ASP A 147 26.47 2.33 -19.86
C ASP A 147 25.24 2.21 -18.98
N SER A 148 24.71 3.34 -18.51
CA SER A 148 23.70 3.37 -17.49
C SER A 148 22.28 3.23 -18.04
N LYS A 149 22.12 2.71 -19.26
CA LYS A 149 20.79 2.54 -19.84
C LYS A 149 20.26 1.15 -19.53
N THR A 150 18.93 1.03 -19.53
CA THR A 150 18.25 -0.25 -19.34
C THR A 150 17.20 -0.41 -20.43
N GLU A 151 16.85 -1.67 -20.72
CA GLU A 151 16.00 -2.02 -21.85
C GLU A 151 14.88 -2.94 -21.39
N THR A 152 13.72 -2.81 -22.03
CA THR A 152 12.59 -3.69 -21.76
C THR A 152 11.78 -3.85 -23.03
N VAL A 153 10.81 -4.77 -22.97
CA VAL A 153 9.81 -4.98 -24.01
C VAL A 153 8.45 -4.98 -23.34
N VAL A 154 7.49 -4.27 -23.95
CA VAL A 154 6.14 -4.18 -23.42
C VAL A 154 5.16 -4.42 -24.55
N GLU A 155 3.91 -4.70 -24.18
CA GLU A 155 2.83 -4.85 -25.14
C GLU A 155 1.75 -3.85 -24.80
N VAL A 156 1.23 -3.17 -25.82
CA VAL A 156 0.17 -2.19 -25.66
C VAL A 156 -1.01 -2.61 -26.52
N ALA A 157 -2.22 -2.50 -25.97
CA ALA A 157 -3.44 -2.91 -26.67
C ALA A 157 -3.94 -1.75 -27.52
N THR A 158 -3.74 -1.84 -28.85
CA THR A 158 -4.17 -0.82 -29.80
C THR A 158 -5.45 -1.25 -30.52
N SER A 159 -5.94 -0.37 -31.41
CA SER A 159 -7.15 -0.63 -32.19
C SER A 159 -7.00 -1.87 -33.06
N GLU A 160 -6.04 -1.83 -33.98
CA GLU A 160 -5.97 -2.80 -35.06
C GLU A 160 -5.38 -4.13 -34.64
N ASN A 161 -4.37 -4.07 -33.79
CA ASN A 161 -3.64 -5.22 -33.29
C ASN A 161 -3.91 -5.33 -31.79
N LYS A 162 -4.59 -6.38 -31.37
CA LYS A 162 -4.91 -6.52 -29.95
C LYS A 162 -3.71 -6.21 -29.06
N HIS A 163 -2.55 -6.84 -29.31
CA HIS A 163 -1.37 -6.53 -28.51
C HIS A 163 -0.14 -6.42 -29.41
N GLU A 164 0.29 -5.18 -29.69
CA GLU A 164 1.58 -4.95 -30.34
C GLU A 164 2.69 -4.86 -29.31
N ALA A 165 3.88 -5.32 -29.70
CA ALA A 165 5.04 -5.30 -28.84
C ALA A 165 6.02 -4.23 -29.32
N SER A 166 6.76 -3.66 -28.36
CA SER A 166 7.72 -2.62 -28.69
C SER A 166 8.81 -2.61 -27.64
N TYR A 167 10.03 -2.35 -28.08
CA TYR A 167 11.16 -2.25 -27.18
C TYR A 167 11.26 -0.82 -26.66
N LEU A 168 11.79 -0.68 -25.45
CA LEU A 168 12.02 0.62 -24.85
C LEU A 168 13.35 0.58 -24.11
N SER A 169 14.14 1.62 -24.30
CA SER A 169 15.38 1.81 -23.57
C SER A 169 15.34 3.19 -22.92
N THR A 170 15.93 3.29 -21.73
CA THR A 170 15.96 4.58 -21.04
C THR A 170 17.28 4.77 -20.34
N TYR A 171 17.66 6.04 -20.17
CA TYR A 171 18.78 6.44 -19.33
C TYR A 171 18.52 7.88 -18.90
N TRP A 172 19.01 8.22 -17.72
CA TRP A 172 18.70 9.50 -17.08
C TRP A 172 19.97 10.10 -16.49
N ALA A 173 19.96 11.42 -16.36
CA ALA A 173 21.10 12.15 -15.82
C ALA A 173 20.63 13.55 -15.45
N LYS A 174 21.44 14.23 -14.63
CA LYS A 174 21.23 15.66 -14.39
C LYS A 174 21.02 16.38 -15.72
N LYS A 175 20.04 17.27 -15.74
CA LYS A 175 19.63 17.94 -16.98
C LYS A 175 20.84 18.43 -17.80
N ASP A 176 21.65 19.31 -17.20
CA ASP A 176 22.77 19.92 -17.92
C ASP A 176 23.68 18.89 -18.61
N GLU A 177 23.90 17.75 -17.97
CA GLU A 177 24.82 16.74 -18.47
C GLU A 177 24.12 15.64 -19.26
N MET A 178 23.01 15.94 -19.91
CA MET A 178 22.22 14.92 -20.58
C MET A 178 22.22 15.21 -22.07
N GLN A 179 22.47 14.16 -22.86
CA GLN A 179 22.43 14.25 -24.32
C GLN A 179 21.70 13.02 -24.79
N CYS A 180 20.44 13.20 -25.20
CA CYS A 180 19.54 12.12 -25.58
C CYS A 180 19.75 11.81 -27.04
N GLY A 181 20.30 10.65 -27.34
CA GLY A 181 20.39 10.24 -28.73
C GLY A 181 20.63 8.75 -28.87
N ALA A 182 20.70 8.35 -30.13
CA ALA A 182 21.14 7.01 -30.52
C ALA A 182 21.36 6.97 -32.02
N LYS A 183 22.04 5.93 -32.47
CA LYS A 183 22.18 5.65 -33.89
C LYS A 183 21.58 4.29 -34.20
N HIS A 184 20.83 4.20 -35.31
CA HIS A 184 20.08 3.00 -35.64
C HIS A 184 20.22 2.73 -37.12
N GLU A 185 20.67 1.52 -37.45
CA GLU A 185 20.86 1.08 -38.83
C GLU A 185 19.62 1.39 -39.68
N GLY A 186 19.84 2.18 -40.74
CA GLY A 186 18.77 2.53 -41.65
C GLY A 186 17.97 3.75 -41.26
N PHE A 187 18.36 4.43 -40.19
CA PHE A 187 17.67 5.64 -39.76
C PHE A 187 18.63 6.79 -39.43
N GLY A 188 19.94 6.55 -39.45
CA GLY A 188 20.88 7.64 -39.27
C GLY A 188 20.95 8.13 -37.84
N ILE A 189 21.05 9.45 -37.69
CA ILE A 189 21.23 10.07 -36.39
C ILE A 189 19.85 10.27 -35.74
N LEU A 190 19.73 9.85 -34.49
CA LEU A 190 18.52 10.07 -33.70
C LEU A 190 18.86 10.95 -32.52
N LYS A 191 18.11 12.04 -32.37
CA LYS A 191 18.35 13.04 -31.34
C LYS A 191 17.00 13.51 -30.82
N GLY A 192 16.94 13.84 -29.53
CA GLY A 192 15.71 14.28 -28.91
C GLY A 192 15.65 15.79 -28.75
N ASP A 193 14.44 16.33 -28.90
CA ASP A 193 14.09 17.72 -28.67
C ASP A 193 12.99 17.76 -27.60
N ASP A 194 12.44 18.93 -27.35
CA ASP A 194 11.50 19.15 -26.26
C ASP A 194 10.31 19.96 -26.75
N PRO A 195 9.26 20.16 -25.91
CA PRO A 195 8.03 20.75 -26.45
C PRO A 195 8.18 22.15 -27.04
N GLU B 1 -1.17 -19.61 -2.01
CA GLU B 1 -1.37 -18.85 -0.79
C GLU B 1 -0.12 -18.89 0.09
N ILE B 2 0.87 -19.69 -0.30
CA ILE B 2 2.07 -19.86 0.50
C ILE B 2 2.75 -18.51 0.69
N ASN B 3 2.88 -18.06 1.94
CA ASN B 3 3.31 -16.71 2.25
C ASN B 3 4.70 -16.70 2.86
N GLN B 4 5.49 -15.69 2.47
CA GLN B 4 6.81 -15.46 3.04
C GLN B 4 7.15 -13.99 2.85
N PRO B 5 7.95 -13.39 3.74
CA PRO B 5 8.24 -11.95 3.64
C PRO B 5 8.84 -11.57 2.30
N SER B 6 8.46 -10.38 1.82
CA SER B 6 8.94 -9.88 0.54
C SER B 6 10.42 -9.48 0.60
N ILE B 7 10.77 -8.59 1.53
CA ILE B 7 12.11 -8.02 1.59
C ILE B 7 12.55 -7.94 3.05
N LEU B 8 13.81 -8.27 3.30
CA LEU B 8 14.41 -8.13 4.62
C LEU B 8 15.84 -7.64 4.48
N VAL B 9 16.22 -6.68 5.33
CA VAL B 9 17.57 -6.16 5.36
C VAL B 9 18.10 -6.30 6.79
N LEU B 10 19.27 -6.92 6.92
CA LEU B 10 19.86 -7.17 8.22
C LEU B 10 21.23 -6.49 8.33
N LYS B 11 21.65 -6.28 9.57
CA LYS B 11 22.99 -5.82 9.89
C LYS B 11 23.86 -7.02 10.26
N GLU B 12 25.17 -6.80 10.19
CA GLU B 12 26.13 -7.85 10.53
C GLU B 12 25.93 -8.31 11.96
N ASP B 13 26.05 -9.63 12.18
CA ASP B 13 25.95 -10.31 13.46
C ASP B 13 24.51 -10.41 13.95
N GLU B 14 23.56 -9.84 13.23
CA GLU B 14 22.16 -9.88 13.64
C GLU B 14 21.59 -11.29 13.55
N ASN B 15 20.62 -11.56 14.40
CA ASN B 15 19.81 -12.77 14.25
C ASN B 15 18.46 -12.37 13.69
N ALA B 16 17.84 -13.32 12.99
CA ALA B 16 16.56 -13.04 12.34
C ALA B 16 15.91 -14.36 11.97
N THR B 17 14.59 -14.33 11.90
CA THR B 17 13.79 -15.48 11.52
C THR B 17 12.97 -15.15 10.30
N LEU B 18 13.08 -16.00 9.27
CA LEU B 18 12.15 -15.97 8.15
C LEU B 18 11.15 -17.10 8.35
N SER B 19 9.87 -16.76 8.31
CA SER B 19 8.83 -17.72 8.59
C SER B 19 7.97 -17.91 7.36
N CYS B 20 7.80 -19.15 6.95
CA CYS B 20 6.97 -19.49 5.80
C CYS B 20 5.66 -20.10 6.26
N ARG B 21 4.57 -19.69 5.62
CA ARG B 21 3.24 -20.09 6.04
C ARG B 21 2.49 -20.59 4.82
N GLN B 22 1.87 -21.75 4.96
CA GLN B 22 1.21 -22.43 3.86
C GLN B 22 -0.17 -22.88 4.31
N ASN B 23 -1.14 -22.80 3.41
CA ASN B 23 -2.51 -23.16 3.72
C ASN B 23 -3.00 -24.37 2.93
N ASP B 24 -2.10 -25.31 2.61
CA ASP B 24 -2.50 -26.49 1.85
C ASP B 24 -2.41 -27.78 2.66
N ASN B 25 -2.20 -27.69 3.98
CA ASN B 25 -2.07 -28.86 4.84
C ASN B 25 -0.95 -29.77 4.36
N HIS B 26 0.11 -29.19 3.80
CA HIS B 26 1.21 -29.96 3.25
C HIS B 26 2.12 -30.43 4.36
N ASP B 27 2.55 -31.69 4.27
CA ASP B 27 3.46 -32.21 5.29
C ASP B 27 4.90 -31.78 5.02
N TYR B 28 5.29 -31.66 3.75
CA TYR B 28 6.64 -31.29 3.40
C TYR B 28 6.74 -29.78 3.22
N MET B 29 7.74 -29.18 3.86
CA MET B 29 8.09 -27.78 3.61
C MET B 29 9.60 -27.71 3.52
N SER B 30 10.08 -26.63 2.91
CA SER B 30 11.52 -26.53 2.72
C SER B 30 11.90 -25.07 2.50
N TRP B 31 13.19 -24.79 2.67
CA TRP B 31 13.76 -23.48 2.45
C TRP B 31 14.93 -23.63 1.48
N TYR B 32 14.95 -22.79 0.46
CA TYR B 32 15.91 -22.89 -0.63
C TYR B 32 16.65 -21.57 -0.76
N LEU B 33 17.90 -21.63 -1.20
CA LEU B 33 18.72 -20.45 -1.37
C LEU B 33 19.03 -20.28 -2.85
N GLN B 34 18.77 -19.07 -3.36
CA GLN B 34 19.10 -18.71 -4.73
C GLN B 34 20.11 -17.57 -4.71
N GLN B 35 21.30 -17.84 -5.24
CA GLN B 35 22.27 -16.79 -5.47
C GLN B 35 22.68 -16.81 -6.93
N PRO B 36 23.11 -15.66 -7.49
CA PRO B 36 23.48 -15.60 -8.92
C PRO B 36 24.36 -16.75 -9.37
N GLY B 37 23.89 -17.51 -10.36
CA GLY B 37 24.66 -18.60 -10.91
C GLY B 37 24.94 -19.74 -9.96
N LYS B 38 24.10 -19.92 -8.94
CA LYS B 38 24.25 -21.05 -8.02
C LYS B 38 22.94 -21.82 -7.86
N GLY B 39 22.05 -21.75 -8.85
CA GLY B 39 20.82 -22.52 -8.84
C GLY B 39 20.00 -22.34 -7.58
N LEU B 40 19.34 -23.42 -7.18
CA LEU B 40 18.51 -23.47 -5.97
C LEU B 40 19.06 -24.55 -5.06
N GLN B 41 19.48 -24.16 -3.85
CA GLN B 41 20.13 -25.07 -2.93
C GLN B 41 19.30 -25.20 -1.66
N LEU B 42 18.99 -26.43 -1.29
CA LEU B 42 18.22 -26.71 -0.08
C LEU B 42 18.99 -26.33 1.17
N ILE B 43 18.43 -25.41 1.95
CA ILE B 43 19.00 -25.01 3.24
C ILE B 43 18.52 -25.94 4.35
N TYR B 44 17.20 -26.11 4.46
CA TYR B 44 16.58 -26.91 5.50
C TYR B 44 15.25 -27.38 4.95
N SER B 45 14.85 -28.60 5.33
CA SER B 45 13.57 -29.14 4.95
C SER B 45 12.89 -29.71 6.20
N SER B 46 11.64 -30.15 6.02
CA SER B 46 10.85 -30.67 7.12
C SER B 46 9.84 -31.64 6.56
N TYR B 47 9.80 -32.86 7.11
CA TYR B 47 8.86 -33.87 6.66
C TYR B 47 7.56 -33.82 7.44
N GLY B 48 7.47 -32.96 8.45
CA GLY B 48 6.31 -32.93 9.32
C GLY B 48 6.58 -32.01 10.50
N VAL B 49 5.52 -31.87 11.32
CA VAL B 49 5.61 -31.01 12.50
C VAL B 49 6.79 -31.42 13.38
N LYS B 50 7.54 -30.42 13.84
CA LYS B 50 8.69 -30.61 14.74
C LYS B 50 9.70 -31.62 14.19
N GLN B 51 9.78 -31.73 12.87
CA GLN B 51 10.84 -32.48 12.20
C GLN B 51 11.60 -31.54 11.28
N GLU B 52 12.92 -31.56 11.37
CA GLU B 52 13.77 -30.76 10.48
C GLU B 52 14.90 -31.60 9.93
N ASN B 53 15.37 -31.24 8.74
CA ASN B 53 16.51 -31.89 8.11
C ASN B 53 17.46 -30.83 7.58
N LYS B 54 18.73 -30.91 7.97
CA LYS B 54 19.73 -30.01 7.43
C LYS B 54 19.95 -30.29 5.96
N GLY B 55 20.21 -29.24 5.18
CA GLY B 55 20.61 -29.37 3.80
C GLY B 55 22.12 -29.39 3.67
N ASP B 56 22.60 -29.15 2.44
CA ASP B 56 24.05 -29.11 2.21
C ASP B 56 24.66 -27.82 2.73
N ILE B 57 23.89 -26.74 2.77
CA ILE B 57 24.43 -25.40 3.03
C ILE B 57 23.85 -24.87 4.33
N HIS B 58 23.53 -25.79 5.25
CA HIS B 58 22.81 -25.42 6.47
C HIS B 58 23.68 -24.65 7.45
N THR B 59 25.00 -24.73 7.34
CA THR B 59 25.90 -24.01 8.24
C THR B 59 25.61 -22.53 8.21
N GLY B 60 25.18 -21.97 9.33
CA GLY B 60 24.72 -20.61 9.42
C GLY B 60 23.23 -20.48 9.57
N TYR B 61 22.50 -21.60 9.65
CA TYR B 61 21.05 -21.58 9.73
C TYR B 61 20.57 -22.61 10.74
N GLU B 62 19.41 -22.34 11.31
CA GLU B 62 18.64 -23.30 12.08
C GLU B 62 17.20 -23.23 11.58
N ALA B 63 16.40 -24.21 11.96
CA ALA B 63 15.02 -24.22 11.49
C ALA B 63 14.13 -24.93 12.50
N LYS B 64 12.85 -24.58 12.44
CA LYS B 64 11.86 -25.13 13.37
C LYS B 64 10.54 -25.23 12.64
N ARG B 65 9.98 -26.43 12.56
CA ARG B 65 8.63 -26.59 12.03
C ARG B 65 7.70 -26.58 13.23
N SER B 66 7.23 -25.37 13.58
CA SER B 66 6.46 -25.18 14.79
C SER B 66 5.07 -25.79 14.68
N SER B 67 4.53 -25.89 13.47
CA SER B 67 3.21 -26.46 13.26
C SER B 67 3.11 -26.86 11.80
N GLN B 68 1.99 -27.50 11.46
CA GLN B 68 1.75 -27.94 10.09
C GLN B 68 1.82 -26.78 9.10
N GLU B 69 1.43 -25.58 9.53
CA GLU B 69 1.31 -24.45 8.62
C GLU B 69 2.58 -23.62 8.49
N VAL B 70 3.51 -23.71 9.45
CA VAL B 70 4.56 -22.71 9.62
C VAL B 70 5.90 -23.42 9.71
N PHE B 71 6.87 -22.93 8.93
CA PHE B 71 8.24 -23.44 8.95
C PHE B 71 9.18 -22.26 9.07
N HIS B 72 9.89 -22.18 10.19
CA HIS B 72 10.78 -21.06 10.46
C HIS B 72 12.20 -21.36 10.01
N LEU B 73 12.84 -20.36 9.40
CA LEU B 73 14.26 -20.40 9.08
C LEU B 73 14.96 -19.32 9.89
N ASP B 74 15.90 -19.74 10.74
CA ASP B 74 16.60 -18.82 11.62
C ASP B 74 17.97 -18.50 11.04
N ILE B 75 18.30 -17.21 10.98
CA ILE B 75 19.57 -16.74 10.46
C ILE B 75 20.48 -16.46 11.66
N ILE B 76 21.53 -17.26 11.80
CA ILE B 76 22.45 -17.17 12.93
C ILE B 76 23.62 -16.27 12.56
N SER B 77 23.81 -15.18 13.32
CA SER B 77 24.97 -14.31 13.16
C SER B 77 25.16 -13.86 11.71
N ALA B 78 24.15 -13.14 11.23
CA ALA B 78 24.04 -12.73 9.83
C ALA B 78 25.34 -12.17 9.28
N LYS B 79 25.71 -12.68 8.11
CA LYS B 79 26.97 -12.41 7.44
C LYS B 79 26.65 -12.03 5.99
N LYS B 80 27.58 -11.33 5.36
CA LYS B 80 27.44 -11.03 3.93
C LYS B 80 27.09 -12.30 3.16
N ASN B 81 27.72 -13.41 3.53
CA ASN B 81 27.43 -14.70 2.94
C ASN B 81 25.95 -15.11 3.04
N HIS B 82 25.17 -14.50 3.93
CA HIS B 82 23.72 -14.75 3.98
C HIS B 82 22.92 -14.07 2.86
N SER B 83 23.45 -13.05 2.20
CA SER B 83 22.65 -12.27 1.27
C SER B 83 22.26 -13.11 0.06
N ALA B 84 20.96 -13.16 -0.22
CA ALA B 84 20.40 -14.11 -1.18
C ALA B 84 18.92 -13.82 -1.35
N ILE B 85 18.31 -14.54 -2.29
CA ILE B 85 16.86 -14.66 -2.35
C ILE B 85 16.50 -16.03 -1.79
N TYR B 86 15.59 -16.04 -0.82
CA TYR B 86 15.22 -17.26 -0.10
C TYR B 86 13.84 -17.68 -0.56
N PHE B 87 13.70 -18.95 -0.91
CA PHE B 87 12.42 -19.48 -1.39
C PHE B 87 11.95 -20.57 -0.44
N CYS B 88 10.74 -20.42 0.06
CA CYS B 88 10.05 -21.48 0.76
C CYS B 88 9.22 -22.29 -0.22
N ALA B 89 9.15 -23.60 0.01
CA ALA B 89 8.41 -24.48 -0.88
C ALA B 89 7.73 -25.54 -0.05
N SER B 90 6.66 -26.11 -0.60
CA SER B 90 5.92 -27.16 0.07
C SER B 90 5.43 -28.19 -0.93
N SER B 91 5.11 -29.37 -0.41
CA SER B 91 4.43 -30.41 -1.18
C SER B 91 3.65 -31.30 -0.24
N SER B 92 2.71 -32.05 -0.81
CA SER B 92 1.92 -33.01 -0.05
C SER B 92 2.82 -33.95 0.76
N TYR B 93 3.85 -34.48 0.12
CA TYR B 93 4.87 -35.30 0.75
C TYR B 93 6.07 -35.29 -0.18
N LYS B 94 7.21 -35.78 0.31
CA LYS B 94 8.38 -35.87 -0.54
C LYS B 94 8.26 -37.07 -1.49
N GLY B 95 8.90 -36.92 -2.64
CA GLY B 95 8.97 -37.95 -3.66
C GLY B 95 8.04 -37.73 -4.84
N ASN B 96 8.65 -37.25 -5.93
CA ASN B 96 8.02 -37.05 -7.23
C ASN B 96 6.61 -36.48 -7.11
N THR B 97 6.53 -35.33 -6.45
CA THR B 97 5.30 -34.60 -6.24
C THR B 97 5.69 -33.15 -6.41
N PRO B 98 4.94 -32.36 -7.17
CA PRO B 98 5.36 -30.99 -7.45
C PRO B 98 5.52 -30.18 -6.17
N LEU B 99 6.53 -29.32 -6.16
CA LEU B 99 6.72 -28.37 -5.07
C LEU B 99 5.98 -27.08 -5.41
N ASN B 100 5.37 -26.49 -4.40
CA ASN B 100 4.72 -25.19 -4.53
C ASN B 100 5.63 -24.17 -3.86
N PHE B 101 6.03 -23.14 -4.59
CA PHE B 101 7.00 -22.20 -4.08
C PHE B 101 6.31 -20.91 -3.67
N GLY B 102 6.93 -20.20 -2.73
CA GLY B 102 6.50 -18.86 -2.46
C GLY B 102 7.16 -17.90 -3.42
N GLN B 103 6.79 -16.63 -3.30
CA GLN B 103 7.32 -15.63 -4.19
C GLN B 103 8.75 -15.24 -3.85
N GLY B 104 9.23 -15.62 -2.67
CA GLY B 104 10.63 -15.39 -2.37
C GLY B 104 10.92 -14.17 -1.51
N THR B 105 11.93 -14.29 -0.66
CA THR B 105 12.33 -13.24 0.26
C THR B 105 13.71 -12.78 -0.16
N ARG B 106 13.85 -11.51 -0.48
CA ARG B 106 15.16 -10.95 -0.79
C ARG B 106 15.77 -10.43 0.50
N LEU B 107 16.86 -11.06 0.92
CA LEU B 107 17.54 -10.73 2.15
C LEU B 107 18.89 -10.14 1.82
N THR B 108 19.20 -8.99 2.42
CA THR B 108 20.49 -8.34 2.25
C THR B 108 21.09 -8.13 3.62
N VAL B 109 22.34 -8.56 3.81
CA VAL B 109 23.05 -8.37 5.06
C VAL B 109 24.02 -7.21 4.87
N LEU B 110 23.84 -6.15 5.64
CA LEU B 110 24.63 -4.95 5.53
C LEU B 110 25.74 -4.88 6.59
N GLY B 111 26.70 -4.03 6.29
CA GLY B 111 27.71 -3.66 7.28
C GLY B 111 27.11 -2.81 8.39
N LYS B 112 27.63 -2.96 9.60
CA LYS B 112 27.00 -2.35 10.77
C LYS B 112 27.25 -0.85 10.83
N ASN B 113 27.81 -0.31 9.75
CA ASN B 113 28.06 1.10 9.52
C ASN B 113 27.14 1.68 8.46
N SER B 114 26.89 0.93 7.39
CA SER B 114 26.05 1.42 6.30
C SER B 114 24.60 1.54 6.75
N GLU B 115 23.96 2.62 6.33
CA GLU B 115 22.54 2.80 6.59
C GLU B 115 21.73 2.53 5.33
N ILE B 116 20.44 2.25 5.55
CA ILE B 116 19.49 2.09 4.45
C ILE B 116 19.02 3.48 4.04
N ILE B 117 19.04 3.75 2.73
CA ILE B 117 18.59 5.03 2.20
C ILE B 117 17.34 4.78 1.38
N GLU B 118 16.26 5.48 1.71
CA GLU B 118 15.02 5.40 0.94
C GLU B 118 15.25 5.97 -0.47
N PRO B 119 14.50 5.47 -1.45
CA PRO B 119 14.64 6.00 -2.81
C PRO B 119 13.94 7.35 -2.97
N ASP B 120 14.41 8.09 -3.96
CA ASP B 120 13.63 9.19 -4.51
C ASP B 120 12.84 8.63 -5.68
N VAL B 121 11.57 9.03 -5.79
CA VAL B 121 10.67 8.44 -6.77
C VAL B 121 10.00 9.57 -7.52
N VAL B 122 10.18 9.60 -8.84
CA VAL B 122 9.53 10.57 -9.72
C VAL B 122 8.91 9.82 -10.88
N ILE B 123 7.80 10.34 -11.40
CA ILE B 123 7.27 9.94 -12.68
C ILE B 123 7.57 11.05 -13.68
N PHE B 124 8.06 10.67 -14.85
CA PHE B 124 8.31 11.64 -15.91
C PHE B 124 7.05 11.83 -16.72
N SER B 125 6.72 13.09 -17.01
CA SER B 125 5.64 13.39 -17.91
C SER B 125 5.91 12.74 -19.28
N PRO B 126 4.91 12.12 -19.90
CA PRO B 126 5.14 11.49 -21.20
C PRO B 126 5.31 12.54 -22.29
N SER B 127 6.05 12.16 -23.32
CA SER B 127 6.37 13.09 -24.40
C SER B 127 5.14 13.35 -25.25
N LYS B 128 4.83 14.64 -25.46
CA LYS B 128 3.74 15.00 -26.36
C LYS B 128 4.05 14.58 -27.78
N GLN B 129 5.33 14.58 -28.16
CA GLN B 129 5.72 14.14 -29.50
C GLN B 129 5.50 12.64 -29.68
N GLU B 130 5.88 11.83 -28.69
CA GLU B 130 5.59 10.40 -28.77
C GLU B 130 4.10 10.15 -28.92
N ILE B 131 3.29 10.84 -28.11
CA ILE B 131 1.84 10.68 -28.18
C ILE B 131 1.33 10.96 -29.59
N GLN B 132 1.79 12.05 -30.20
CA GLN B 132 1.36 12.36 -31.56
C GLN B 132 1.90 11.35 -32.56
N GLU B 133 3.20 11.05 -32.51
CA GLU B 133 3.81 10.18 -33.51
C GLU B 133 3.33 8.73 -33.38
N LYS B 134 3.30 8.21 -32.14
CA LYS B 134 3.04 6.80 -31.92
C LYS B 134 1.65 6.49 -31.39
N LYS B 135 0.85 7.51 -31.07
CA LYS B 135 -0.47 7.32 -30.45
C LYS B 135 -0.38 6.49 -29.17
N LYS B 136 0.76 6.59 -28.49
CA LYS B 136 0.96 5.94 -27.20
C LYS B 136 1.71 6.89 -26.29
N ALA B 137 1.48 6.71 -24.98
CA ALA B 137 2.18 7.46 -23.95
C ALA B 137 3.00 6.49 -23.12
N THR B 138 4.30 6.75 -23.01
CA THR B 138 5.16 5.98 -22.13
C THR B 138 5.38 6.78 -20.85
N LEU B 139 5.01 6.18 -19.72
CA LEU B 139 5.20 6.79 -18.41
C LEU B 139 6.40 6.12 -17.77
N VAL B 140 7.43 6.90 -17.47
CA VAL B 140 8.65 6.37 -16.88
C VAL B 140 8.65 6.75 -15.41
N CYS B 141 8.65 5.74 -14.55
CA CYS B 141 8.85 5.91 -13.12
C CYS B 141 10.29 5.60 -12.78
N LEU B 142 10.96 6.51 -12.09
CA LEU B 142 12.35 6.31 -11.72
C LEU B 142 12.47 6.32 -10.19
N ALA B 143 13.05 5.25 -9.65
CA ALA B 143 13.44 5.22 -8.25
C ALA B 143 14.96 5.31 -8.22
N SER B 144 15.47 6.32 -7.52
CA SER B 144 16.91 6.53 -7.44
C SER B 144 17.28 6.98 -6.04
N GLY B 145 18.57 6.89 -5.73
CA GLY B 145 19.08 7.35 -4.46
C GLY B 145 19.06 6.33 -3.35
N PHE B 146 18.67 5.08 -3.63
CA PHE B 146 18.41 4.12 -2.57
C PHE B 146 19.56 3.14 -2.39
N PHE B 147 19.64 2.57 -1.18
CA PHE B 147 20.61 1.59 -0.76
C PHE B 147 19.94 0.69 0.28
N PRO B 148 20.03 -0.64 0.15
CA PRO B 148 20.85 -1.39 -0.81
C PRO B 148 20.17 -1.60 -2.17
N ASP B 149 20.78 -2.46 -2.99
CA ASP B 149 20.40 -2.57 -4.39
C ASP B 149 19.00 -3.10 -4.62
N HIS B 150 18.39 -3.77 -3.64
CA HIS B 150 17.09 -4.39 -3.87
C HIS B 150 15.94 -3.47 -3.52
N LEU B 151 14.98 -3.38 -4.44
CA LEU B 151 13.80 -2.55 -4.29
C LEU B 151 12.78 -3.04 -5.31
N ASN B 152 11.50 -2.95 -4.96
CA ASN B 152 10.44 -3.37 -5.86
C ASN B 152 9.66 -2.15 -6.33
N LEU B 153 9.36 -2.12 -7.62
CA LEU B 153 8.61 -1.04 -8.25
C LEU B 153 7.41 -1.65 -8.98
N VAL B 154 6.20 -1.19 -8.65
CA VAL B 154 4.99 -1.70 -9.29
C VAL B 154 4.11 -0.52 -9.70
N TRP B 155 3.17 -0.82 -10.60
CA TRP B 155 2.20 0.16 -11.05
C TRP B 155 0.79 -0.22 -10.60
N LYS B 156 0.02 0.78 -10.19
CA LYS B 156 -1.43 0.66 -10.08
C LYS B 156 -2.09 1.68 -11.00
N VAL B 157 -3.15 1.27 -11.67
CA VAL B 157 -3.97 2.18 -12.47
C VAL B 157 -5.36 2.19 -11.86
N ASN B 158 -5.75 3.35 -11.31
CA ASN B 158 -7.05 3.52 -10.65
C ASN B 158 -7.25 2.46 -9.57
N GLY B 159 -6.29 2.41 -8.63
CA GLY B 159 -6.36 1.49 -7.52
C GLY B 159 -6.10 0.03 -7.83
N VAL B 160 -5.99 -0.36 -9.09
CA VAL B 160 -5.85 -1.76 -9.48
C VAL B 160 -4.43 -2.04 -9.92
N LYS B 161 -3.90 -3.20 -9.51
CA LYS B 161 -2.60 -3.66 -9.98
C LYS B 161 -2.59 -3.75 -11.50
N ARG B 162 -1.58 -3.16 -12.12
CA ARG B 162 -1.48 -3.12 -13.57
C ARG B 162 -0.21 -3.83 -14.00
N THR B 163 -0.34 -4.73 -14.97
CA THR B 163 0.81 -5.42 -15.55
C THR B 163 0.94 -5.24 -17.05
N GLU B 164 -0.18 -5.10 -17.75
CA GLU B 164 -0.17 -4.89 -19.19
C GLU B 164 0.54 -3.59 -19.54
N GLY B 165 1.54 -3.70 -20.41
CA GLY B 165 2.30 -2.56 -20.85
C GLY B 165 3.39 -2.10 -19.90
N VAL B 166 3.65 -2.85 -18.83
CA VAL B 166 4.66 -2.47 -17.86
C VAL B 166 5.96 -3.17 -18.20
N GLY B 167 7.04 -2.40 -18.30
CA GLY B 167 8.36 -3.00 -18.30
C GLY B 167 9.22 -2.47 -17.18
N THR B 168 9.58 -3.34 -16.25
CA THR B 168 10.37 -2.97 -15.08
C THR B 168 11.75 -3.61 -15.18
N ASP B 169 12.79 -2.82 -14.94
CA ASP B 169 14.14 -3.38 -14.89
C ASP B 169 14.19 -4.49 -13.85
N GLU B 170 14.79 -5.62 -14.22
CA GLU B 170 14.94 -6.72 -13.28
C GLU B 170 16.08 -6.47 -12.29
N ILE B 171 17.06 -5.66 -12.66
CA ILE B 171 18.26 -5.46 -11.86
C ILE B 171 18.54 -3.96 -11.73
N SER B 172 18.94 -3.55 -10.53
CA SER B 172 19.26 -2.16 -10.26
C SER B 172 20.53 -1.71 -10.97
N THR B 173 20.57 -0.43 -11.32
CA THR B 173 21.73 0.19 -11.96
C THR B 173 22.54 0.91 -10.90
N SER B 174 23.81 0.56 -10.78
CA SER B 174 24.71 1.20 -9.83
C SER B 174 25.11 2.57 -10.34
N ASN B 175 24.78 3.62 -9.59
CA ASN B 175 25.10 5.00 -9.95
C ASN B 175 26.00 5.57 -8.86
N GLY B 176 27.32 5.44 -9.04
CA GLY B 176 28.21 5.98 -8.04
C GLY B 176 28.09 5.24 -6.74
N SER B 177 27.51 5.89 -5.72
CA SER B 177 27.39 5.33 -4.40
C SER B 177 26.00 4.76 -4.10
N THR B 178 25.01 5.06 -4.94
CA THR B 178 23.62 4.65 -4.79
C THR B 178 23.16 3.84 -6.00
N TYR B 179 21.96 3.28 -5.89
CA TYR B 179 21.35 2.52 -6.97
C TYR B 179 20.10 3.23 -7.47
N SER B 180 19.73 2.93 -8.72
CA SER B 180 18.48 3.38 -9.30
C SER B 180 17.75 2.21 -9.95
N LEU B 181 16.46 2.40 -10.20
CA LEU B 181 15.64 1.38 -10.86
C LEU B 181 14.55 2.10 -11.65
N THR B 182 14.26 1.56 -12.84
CA THR B 182 13.35 2.22 -13.77
C THR B 182 12.22 1.29 -14.15
N SER B 183 11.01 1.84 -14.27
CA SER B 183 9.87 1.10 -14.75
C SER B 183 9.10 1.96 -15.74
N ARG B 184 8.72 1.36 -16.86
CA ARG B 184 7.98 2.05 -17.90
C ARG B 184 6.60 1.40 -18.04
N LEU B 185 5.56 2.24 -18.05
CA LEU B 185 4.21 1.81 -18.40
C LEU B 185 3.82 2.53 -19.68
N ARG B 186 3.67 1.77 -20.76
CA ARG B 186 3.26 2.32 -22.05
C ARG B 186 1.77 2.05 -22.27
N ILE B 187 1.02 3.11 -22.54
CA ILE B 187 -0.42 3.00 -22.70
C ILE B 187 -0.84 3.68 -24.01
N SER B 188 -2.03 3.32 -24.48
CA SER B 188 -2.61 3.98 -25.65
C SER B 188 -2.89 5.44 -25.35
N ALA B 189 -2.87 6.26 -26.41
CA ALA B 189 -3.20 7.68 -26.27
C ALA B 189 -4.59 7.88 -25.68
N GLN B 190 -5.57 7.06 -26.09
CA GLN B 190 -6.93 7.16 -25.54
C GLN B 190 -6.93 6.99 -24.03
N GLU B 191 -6.13 6.06 -23.51
CA GLU B 191 -6.11 5.84 -22.06
C GLU B 191 -5.38 6.98 -21.36
N TRP B 192 -4.39 7.58 -22.02
CA TRP B 192 -3.66 8.69 -21.40
C TRP B 192 -4.52 9.95 -21.35
N PHE B 193 -5.34 10.19 -22.37
CA PHE B 193 -6.11 11.43 -22.46
C PHE B 193 -7.45 11.25 -21.73
N ASN B 194 -7.33 11.09 -20.42
CA ASN B 194 -8.45 11.00 -19.50
C ASN B 194 -7.98 11.55 -18.16
N PRO B 195 -8.43 12.74 -17.77
CA PRO B 195 -7.92 13.34 -16.52
C PRO B 195 -8.42 12.66 -15.26
N LEU B 196 -9.26 11.62 -15.38
CA LEU B 196 -9.68 10.83 -14.23
C LEU B 196 -8.78 9.62 -13.99
N ASN B 197 -8.01 9.20 -14.99
CA ASN B 197 -7.17 8.02 -14.85
C ASN B 197 -5.99 8.33 -13.93
N ARG B 198 -5.86 7.53 -12.88
CA ARG B 198 -4.83 7.70 -11.87
C ARG B 198 -3.73 6.68 -12.11
N PHE B 199 -2.56 7.15 -12.51
CA PHE B 199 -1.44 6.26 -12.83
C PHE B 199 -0.45 6.34 -11.67
N GLU B 200 -0.32 5.22 -10.95
CA GLU B 200 0.36 5.18 -9.67
C GLU B 200 1.57 4.24 -9.76
N CYS B 201 2.74 4.77 -9.47
CA CYS B 201 3.96 3.98 -9.36
C CYS B 201 4.32 3.89 -7.89
N ILE B 202 4.56 2.67 -7.41
CA ILE B 202 4.82 2.42 -6.00
C ILE B 202 6.19 1.78 -5.86
N ALA B 203 6.99 2.29 -4.93
CA ALA B 203 8.28 1.71 -4.61
C ALA B 203 8.18 1.09 -3.23
N ASN B 204 8.37 -0.23 -3.16
CA ASN B 204 8.34 -0.95 -1.89
C ASN B 204 9.77 -1.30 -1.51
N PHE B 205 10.12 -1.05 -0.25
CA PHE B 205 11.48 -1.28 0.22
C PHE B 205 11.42 -1.59 1.70
N PHE B 206 12.59 -1.72 2.33
CA PHE B 206 12.69 -2.08 3.74
C PHE B 206 13.60 -1.08 4.43
N LYS B 207 13.10 -0.48 5.51
CA LYS B 207 13.84 0.51 6.26
C LYS B 207 13.40 0.47 7.71
N ASN B 208 14.36 0.66 8.62
CA ASN B 208 14.10 0.75 10.06
C ASN B 208 13.31 -0.46 10.55
N GLY B 209 13.78 -1.65 10.18
CA GLY B 209 13.16 -2.86 10.69
C GLY B 209 11.80 -3.17 10.14
N THR B 210 11.34 -2.46 9.12
CA THR B 210 9.97 -2.67 8.64
C THR B 210 9.90 -2.39 7.13
N GLN B 211 8.81 -2.85 6.54
CA GLN B 211 8.54 -2.63 5.13
C GLN B 211 7.86 -1.28 4.93
N GLN B 212 8.33 -0.52 3.95
CA GLN B 212 7.80 0.82 3.68
C GLN B 212 7.51 0.95 2.20
N SER B 213 6.71 1.95 1.86
CA SER B 213 6.35 2.24 0.49
C SER B 213 6.37 3.74 0.26
N ILE B 214 6.71 4.13 -0.96
CA ILE B 214 6.51 5.49 -1.45
C ILE B 214 5.62 5.41 -2.67
N GLN B 215 4.62 6.28 -2.73
CA GLN B 215 3.65 6.26 -3.81
C GLN B 215 3.73 7.57 -4.58
N LYS B 216 3.82 7.47 -5.89
CA LYS B 216 3.85 8.63 -6.78
C LYS B 216 2.70 8.50 -7.76
N ILE B 217 2.05 9.62 -8.07
CA ILE B 217 0.87 9.61 -8.92
C ILE B 217 1.08 10.61 -10.05
N ILE B 218 0.57 10.26 -11.22
CA ILE B 218 0.36 11.22 -12.29
C ILE B 218 -1.01 10.91 -12.89
N TYR B 219 -1.79 11.95 -13.15
CA TYR B 219 -3.08 11.80 -13.79
C TYR B 219 -2.96 12.02 -15.30
N GLY B 220 -3.94 11.51 -16.04
CA GLY B 220 -3.97 11.72 -17.46
C GLY B 220 -4.32 13.15 -17.83
N ASP B 221 -4.20 13.45 -19.12
CA ASP B 221 -4.45 14.77 -19.66
C ASP B 221 -5.84 14.84 -20.26
N THR B 222 -6.27 16.06 -20.57
CA THR B 222 -7.59 16.28 -21.15
C THR B 222 -7.56 16.07 -22.66
N GLN C 1 -21.01 32.18 10.04
CA GLN C 1 -21.53 30.82 10.10
C GLN C 1 -22.62 30.69 11.17
N VAL C 2 -23.11 29.46 11.35
CA VAL C 2 -24.22 29.16 12.25
C VAL C 2 -23.64 28.41 13.45
N GLN C 3 -23.68 29.04 14.62
CA GLN C 3 -23.13 28.43 15.83
C GLN C 3 -24.03 27.29 16.29
N GLN C 4 -23.47 26.09 16.38
CA GLN C 4 -24.21 24.90 16.77
C GLN C 4 -23.68 24.37 18.10
N GLU C 5 -24.56 23.70 18.83
CA GLU C 5 -24.17 23.03 20.06
C GLU C 5 -22.98 22.10 19.77
N PRO C 6 -21.88 22.22 20.51
CA PRO C 6 -20.67 21.49 20.11
C PRO C 6 -20.76 19.98 20.32
N SER C 7 -21.45 19.54 21.37
CA SER C 7 -21.55 18.11 21.63
C SER C 7 -22.92 17.80 22.22
N ALA C 8 -23.30 16.53 22.09
CA ALA C 8 -24.51 16.03 22.71
C ALA C 8 -24.33 14.54 22.92
N GLU C 9 -25.11 13.99 23.85
CA GLU C 9 -24.92 12.62 24.32
C GLU C 9 -26.25 11.89 24.34
N THR C 10 -26.21 10.62 23.94
CA THR C 10 -27.39 9.77 24.05
C THR C 10 -26.95 8.33 24.24
N SER C 11 -27.78 7.55 24.92
CA SER C 11 -27.54 6.12 24.99
C SER C 11 -28.02 5.47 23.70
N GLU C 12 -27.30 4.43 23.29
CA GLU C 12 -27.64 3.68 22.09
C GLU C 12 -29.12 3.31 22.08
N GLY C 13 -29.78 3.57 20.95
CA GLY C 13 -31.19 3.28 20.81
C GLY C 13 -32.15 4.32 21.34
N THR C 14 -31.67 5.36 22.01
CA THR C 14 -32.54 6.40 22.56
C THR C 14 -32.51 7.61 21.62
N GLY C 15 -33.70 7.99 21.14
CA GLY C 15 -33.81 9.10 20.19
C GLY C 15 -33.25 10.40 20.74
N ILE C 16 -32.77 11.26 19.84
CA ILE C 16 -32.25 12.55 20.24
C ILE C 16 -32.37 13.53 19.08
N ASN C 17 -32.48 14.80 19.43
CA ASN C 17 -32.60 15.89 18.47
C ASN C 17 -31.26 16.59 18.36
N ILE C 18 -30.82 16.79 17.13
CA ILE C 18 -29.72 17.71 16.83
C ILE C 18 -30.37 18.94 16.23
N THR C 19 -29.94 20.12 16.67
CA THR C 19 -30.62 21.34 16.25
C THR C 19 -29.65 22.30 15.59
N CYS C 20 -30.23 23.20 14.80
CA CYS C 20 -29.49 24.23 14.10
C CYS C 20 -30.38 25.45 14.07
N SER C 21 -29.95 26.52 14.73
CA SER C 21 -30.79 27.68 14.90
C SER C 21 -30.07 28.95 14.46
N HIS C 22 -30.69 29.66 13.52
CA HIS C 22 -30.08 30.77 12.80
C HIS C 22 -31.09 31.92 12.72
N PRO C 23 -31.34 32.61 13.84
CA PRO C 23 -32.42 33.61 13.86
C PRO C 23 -32.25 34.72 12.84
N SER C 24 -31.03 34.98 12.39
CA SER C 24 -30.78 36.05 11.44
C SER C 24 -30.91 35.62 9.99
N ILE C 25 -31.16 34.34 9.73
CA ILE C 25 -31.28 33.82 8.37
C ILE C 25 -32.62 33.12 8.26
N GLN C 26 -33.52 33.65 7.43
CA GLN C 26 -34.75 32.94 7.11
C GLN C 26 -34.41 32.08 5.90
N ALA C 27 -34.24 30.79 6.14
CA ALA C 27 -33.70 29.92 5.10
C ALA C 27 -34.76 29.61 4.06
N TYR C 28 -34.34 29.50 2.81
CA TYR C 28 -35.23 28.92 1.81
C TYR C 28 -35.15 27.40 1.88
N SER C 29 -33.94 26.85 1.90
CA SER C 29 -33.79 25.42 2.03
C SER C 29 -32.70 25.12 3.06
N ILE C 30 -32.81 23.93 3.62
CA ILE C 30 -31.94 23.48 4.71
C ILE C 30 -31.50 22.06 4.41
N GLN C 31 -30.20 21.81 4.55
CA GLN C 31 -29.68 20.46 4.40
C GLN C 31 -28.86 20.12 5.63
N TRP C 32 -28.81 18.83 5.94
CA TRP C 32 -27.97 18.34 7.01
C TRP C 32 -26.95 17.36 6.44
N TYR C 33 -25.74 17.45 6.96
CA TYR C 33 -24.65 16.56 6.63
C TYR C 33 -24.12 15.97 7.93
N ARG C 34 -23.41 14.86 7.84
CA ARG C 34 -22.65 14.39 8.98
C ARG C 34 -21.29 13.93 8.51
N GLN C 35 -20.33 13.97 9.43
CA GLN C 35 -18.94 13.67 9.15
C GLN C 35 -18.51 12.56 10.11
N LEU C 36 -18.30 11.37 9.59
CA LEU C 36 -17.76 10.27 10.36
C LEU C 36 -16.26 10.50 10.57
N PRO C 37 -15.70 9.96 11.66
CA PRO C 37 -14.28 10.18 11.95
C PRO C 37 -13.36 9.81 10.80
N GLY C 38 -12.59 10.78 10.31
CA GLY C 38 -11.68 10.57 9.21
C GLY C 38 -12.29 10.74 7.83
N ARG C 39 -13.60 10.67 7.70
CA ARG C 39 -14.24 10.77 6.40
C ARG C 39 -14.70 12.21 6.15
N GLY C 40 -15.17 12.45 4.92
CA GLY C 40 -15.69 13.75 4.59
C GLY C 40 -17.17 13.84 4.88
N PRO C 41 -17.72 15.05 4.83
CA PRO C 41 -19.15 15.23 5.08
C PRO C 41 -19.99 14.47 4.06
N ALA C 42 -21.09 13.90 4.54
CA ALA C 42 -22.00 13.15 3.67
C ALA C 42 -23.42 13.69 3.83
N PHE C 43 -24.03 14.05 2.71
CA PHE C 43 -25.42 14.52 2.69
C PHE C 43 -26.34 13.53 3.41
N LEU C 44 -27.28 14.08 4.19
CA LEU C 44 -28.24 13.23 4.87
C LEU C 44 -29.67 13.50 4.44
N VAL C 45 -30.09 14.77 4.37
CA VAL C 45 -31.48 15.10 4.15
C VAL C 45 -31.56 16.56 3.73
N SER C 46 -32.59 16.90 2.94
CA SER C 46 -32.83 18.27 2.56
C SER C 46 -34.32 18.56 2.67
N ALA C 47 -34.65 19.82 2.96
CA ALA C 47 -36.04 20.24 3.00
C ALA C 47 -36.10 21.75 2.83
N VAL C 48 -37.26 22.20 2.37
CA VAL C 48 -37.58 23.62 2.27
C VAL C 48 -38.50 24.05 3.40
N LYS C 49 -39.45 23.18 3.76
CA LYS C 49 -40.41 23.48 4.82
C LYS C 49 -40.95 22.15 5.34
N GLY C 50 -41.83 22.24 6.34
CA GLY C 50 -42.49 21.07 6.86
C GLY C 50 -41.53 20.15 7.60
N SER C 51 -41.66 18.85 7.32
CA SER C 51 -40.78 17.82 7.85
C SER C 51 -40.48 16.82 6.75
N LYS C 52 -39.38 16.06 6.92
CA LYS C 52 -39.01 15.04 5.95
C LYS C 52 -38.36 13.86 6.66
N GLU C 53 -38.81 12.65 6.32
CA GLU C 53 -38.17 11.42 6.77
C GLU C 53 -36.70 11.35 6.35
N VAL C 54 -35.86 10.90 7.27
CA VAL C 54 -34.45 10.63 6.99
C VAL C 54 -34.27 9.12 7.00
N PRO C 55 -33.89 8.50 5.88
CA PRO C 55 -33.77 7.03 5.89
C PRO C 55 -32.55 6.51 6.65
N ASP C 56 -31.42 7.20 6.56
CA ASP C 56 -30.23 6.79 7.31
C ASP C 56 -29.47 8.03 7.78
N PRO C 57 -29.33 8.24 9.10
CA PRO C 57 -29.90 7.44 10.19
C PRO C 57 -31.40 7.67 10.30
N GLU C 58 -32.14 6.61 10.63
CA GLU C 58 -33.60 6.68 10.73
C GLU C 58 -34.02 7.88 11.58
N GLY C 59 -34.84 8.75 10.99
CA GLY C 59 -35.41 9.83 11.77
C GLY C 59 -36.13 10.83 10.88
N ARG C 60 -36.05 12.10 11.28
CA ARG C 60 -36.88 13.13 10.65
C ARG C 60 -36.19 14.48 10.77
N LEU C 61 -36.19 15.24 9.67
CA LEU C 61 -35.80 16.64 9.69
C LEU C 61 -37.07 17.48 9.77
N SER C 62 -37.11 18.39 10.74
CA SER C 62 -38.22 19.33 10.88
C SER C 62 -37.70 20.76 10.74
N VAL C 63 -38.34 21.54 9.87
CA VAL C 63 -38.06 22.97 9.74
C VAL C 63 -39.10 23.74 10.53
N SER C 64 -38.65 24.78 11.25
CA SER C 64 -39.59 25.55 12.04
C SER C 64 -40.50 26.38 11.14
N ALA C 65 -41.64 26.80 11.71
CA ALA C 65 -42.59 27.68 11.02
C ALA C 65 -41.91 28.84 10.33
N ASP C 66 -41.06 29.58 11.05
CA ASP C 66 -40.42 30.78 10.51
C ASP C 66 -39.20 30.48 9.65
N SER C 67 -38.89 29.20 9.43
CA SER C 67 -37.70 28.79 8.66
C SER C 67 -36.41 29.39 9.20
N ARG C 68 -36.39 29.75 10.48
CA ARG C 68 -35.18 30.26 11.10
C ARG C 68 -34.50 29.22 12.00
N SER C 69 -34.98 27.97 12.00
CA SER C 69 -34.28 26.89 12.67
C SER C 69 -34.77 25.56 12.12
N SER C 70 -33.98 24.51 12.37
CA SER C 70 -34.37 23.15 12.04
C SER C 70 -33.94 22.23 13.17
N ALA C 71 -34.54 21.05 13.22
CA ALA C 71 -34.16 19.99 14.15
C ALA C 71 -34.01 18.69 13.38
N LEU C 72 -32.92 17.98 13.62
CA LEU C 72 -32.70 16.66 13.03
C LEU C 72 -32.92 15.62 14.13
N TRP C 73 -34.00 14.86 14.01
CA TRP C 73 -34.35 13.82 14.96
C TRP C 73 -33.74 12.51 14.50
N LEU C 74 -32.92 11.88 15.36
CA LEU C 74 -32.42 10.54 15.13
C LEU C 74 -33.24 9.61 16.00
N ALA C 75 -34.02 8.72 15.39
CA ALA C 75 -35.01 7.95 16.13
C ALA C 75 -34.36 6.88 16.99
N ARG C 76 -33.30 6.25 16.49
CA ARG C 76 -32.73 5.07 17.12
C ARG C 76 -31.22 5.02 16.88
N PRO C 77 -30.46 6.00 17.38
CA PRO C 77 -29.06 6.10 16.99
C PRO C 77 -28.26 4.91 17.50
N ARG C 78 -27.43 4.37 16.63
CA ARG C 78 -26.51 3.30 16.98
C ARG C 78 -25.11 3.86 17.12
N LEU C 79 -24.19 2.99 17.54
CA LEU C 79 -22.80 3.39 17.69
C LEU C 79 -22.23 3.98 16.40
N GLY C 80 -22.57 3.37 15.26
CA GLY C 80 -22.12 3.90 13.98
C GLY C 80 -22.68 5.26 13.62
N ASP C 81 -23.62 5.78 14.40
CA ASP C 81 -24.19 7.09 14.15
C ASP C 81 -23.46 8.20 14.91
N ALA C 82 -22.45 7.84 15.70
CA ALA C 82 -21.60 8.84 16.32
C ALA C 82 -20.83 9.60 15.25
N ALA C 83 -21.05 10.92 15.19
CA ALA C 83 -20.51 11.73 14.11
C ALA C 83 -20.79 13.19 14.43
N VAL C 84 -20.16 14.08 13.67
CA VAL C 84 -20.44 15.50 13.75
C VAL C 84 -21.55 15.80 12.74
N TYR C 85 -22.66 16.36 13.23
CA TYR C 85 -23.83 16.66 12.41
C TYR C 85 -23.87 18.15 12.10
N TYR C 86 -23.89 18.49 10.82
CA TYR C 86 -23.84 19.86 10.35
C TYR C 86 -25.12 20.21 9.63
N CYS C 87 -25.58 21.44 9.85
CA CYS C 87 -26.65 22.02 9.05
C CYS C 87 -26.03 22.95 8.02
N ALA C 88 -26.68 23.07 6.87
CA ALA C 88 -26.28 23.99 5.82
C ALA C 88 -27.52 24.71 5.33
N VAL C 89 -27.50 26.04 5.40
CA VAL C 89 -28.69 26.86 5.18
C VAL C 89 -28.41 27.83 4.04
N ARG C 90 -29.43 28.05 3.21
CA ARG C 90 -29.36 29.05 2.15
C ARG C 90 -30.29 30.19 2.53
N GLY C 91 -29.76 31.41 2.46
CA GLY C 91 -30.57 32.62 2.60
C GLY C 91 -31.52 32.86 1.45
N SER C 92 -31.44 32.02 0.44
CA SER C 92 -31.86 32.30 -0.92
C SER C 92 -32.18 30.97 -1.56
N SER C 93 -32.37 30.99 -2.89
CA SER C 93 -32.33 29.79 -3.72
C SER C 93 -31.64 28.63 -3.03
N THR C 95 -27.70 32.96 -3.01
CA THR C 95 -27.64 31.51 -2.96
C THR C 95 -26.39 31.08 -2.20
N LYS C 96 -26.04 31.86 -1.18
CA LYS C 96 -24.88 31.55 -0.36
C LYS C 96 -25.20 30.38 0.57
N LEU C 97 -24.25 29.46 0.73
CA LEU C 97 -24.43 28.36 1.66
C LEU C 97 -23.71 28.69 2.96
N THR C 98 -24.42 28.62 4.07
CA THR C 98 -23.86 28.87 5.39
C THR C 98 -23.90 27.58 6.20
N PHE C 99 -22.73 27.13 6.64
CA PHE C 99 -22.63 25.86 7.35
C PHE C 99 -22.67 26.08 8.86
N GLY C 100 -23.37 25.18 9.55
CA GLY C 100 -23.25 25.11 10.99
C GLY C 100 -21.85 24.72 11.42
N THR C 101 -21.55 24.96 12.68
CA THR C 101 -20.25 24.59 13.22
C THR C 101 -20.21 23.12 13.63
N GLY C 102 -21.35 22.42 13.59
CA GLY C 102 -21.37 20.99 13.81
C GLY C 102 -21.58 20.56 15.25
N THR C 103 -22.51 19.63 15.45
CA THR C 103 -22.75 19.03 16.76
C THR C 103 -22.20 17.61 16.73
N ARG C 104 -21.29 17.31 17.66
CA ARG C 104 -20.69 15.98 17.74
C ARG C 104 -21.60 15.14 18.61
N LEU C 105 -22.23 14.13 18.00
CA LEU C 105 -23.09 13.23 18.74
C LEU C 105 -22.25 12.07 19.27
N SER C 106 -22.24 11.90 20.58
CA SER C 106 -21.61 10.76 21.21
C SER C 106 -22.71 9.77 21.61
N VAL C 107 -22.49 8.50 21.30
CA VAL C 107 -23.48 7.46 21.52
C VAL C 107 -22.89 6.47 22.52
N GLN C 108 -23.49 6.42 23.72
CA GLN C 108 -22.98 5.58 24.79
C GLN C 108 -23.69 4.23 24.75
N PRO C 109 -23.00 3.16 24.40
CA PRO C 109 -23.64 1.84 24.39
C PRO C 109 -23.87 1.34 25.81
N HIS C 110 -24.81 0.40 25.95
CA HIS C 110 -25.02 -0.19 27.25
C HIS C 110 -23.90 -1.17 27.55
N ILE C 111 -23.39 -1.11 28.78
CA ILE C 111 -22.19 -1.85 29.15
C ILE C 111 -22.46 -2.55 30.46
N THR C 112 -22.18 -3.85 30.51
CA THR C 112 -22.05 -4.54 31.78
C THR C 112 -20.56 -4.61 32.10
N PRO C 113 -20.08 -3.85 33.06
CA PRO C 113 -18.62 -3.75 33.25
C PRO C 113 -18.03 -5.02 33.85
N SER C 114 -16.87 -5.40 33.31
CA SER C 114 -15.99 -6.37 33.96
C SER C 114 -14.57 -5.94 33.63
N PRO C 115 -14.08 -4.90 34.30
CA PRO C 115 -12.86 -4.25 33.82
C PRO C 115 -11.63 -5.11 34.06
N SER C 116 -10.66 -4.96 33.17
CA SER C 116 -9.41 -5.71 33.27
C SER C 116 -8.29 -4.85 32.74
N VAL C 117 -7.09 -5.10 33.24
CA VAL C 117 -5.90 -4.32 32.90
C VAL C 117 -4.80 -5.29 32.49
N TYR C 118 -4.19 -5.05 31.34
CA TYR C 118 -3.15 -5.91 30.79
C TYR C 118 -1.95 -5.07 30.36
N ARG C 119 -0.75 -5.58 30.60
CA ARG C 119 0.45 -4.99 30.06
C ARG C 119 0.88 -5.78 28.83
N LEU C 120 1.30 -5.08 27.79
CA LEU C 120 1.64 -5.70 26.53
C LEU C 120 3.07 -5.36 26.16
N THR C 121 3.69 -6.23 25.36
CA THR C 121 5.04 -6.04 24.87
C THR C 121 5.05 -6.22 23.36
N SER C 122 6.12 -5.77 22.72
CA SER C 122 6.25 -5.90 21.28
C SER C 122 7.63 -6.43 20.92
N GLU C 123 7.67 -7.34 19.94
CA GLU C 123 8.94 -7.81 19.42
C GLU C 123 9.68 -6.70 18.67
N ASP C 124 8.95 -5.72 18.15
CA ASP C 124 9.55 -4.64 17.36
C ASP C 124 10.28 -3.61 18.22
N ASN C 125 9.94 -3.50 19.50
CA ASN C 125 10.64 -2.60 20.41
C ASN C 125 10.49 -3.19 21.82
N LYS C 126 11.55 -3.83 22.29
CA LYS C 126 11.53 -4.49 23.59
C LYS C 126 11.71 -3.54 24.76
N ASN C 127 11.90 -2.24 24.51
CA ASN C 127 11.98 -1.26 25.59
C ASN C 127 10.66 -0.55 25.85
N LEU C 128 9.56 -1.03 25.26
CA LEU C 128 8.27 -0.36 25.36
C LEU C 128 7.25 -1.29 25.99
N GLU C 129 6.36 -0.72 26.79
CA GLU C 129 5.20 -1.42 27.32
C GLU C 129 3.95 -0.65 26.96
N MET C 130 2.86 -1.39 26.73
CA MET C 130 1.56 -0.80 26.43
C MET C 130 0.59 -1.28 27.49
N CYS C 131 -0.05 -0.35 28.19
CA CYS C 131 -1.04 -0.68 29.20
C CYS C 131 -2.42 -0.65 28.54
N LEU C 132 -3.16 -1.75 28.65
CA LEU C 132 -4.47 -1.88 28.03
C LEU C 132 -5.53 -2.07 29.09
N ILE C 133 -6.57 -1.23 29.08
CA ILE C 133 -7.70 -1.32 29.99
C ILE C 133 -8.95 -1.61 29.17
N THR C 134 -9.66 -2.70 29.53
CA THR C 134 -10.75 -3.21 28.71
C THR C 134 -12.03 -3.37 29.51
N ASP C 135 -13.15 -3.30 28.80
CA ASP C 135 -14.46 -3.75 29.30
C ASP C 135 -14.89 -3.02 30.57
N TYR C 136 -14.63 -1.73 30.61
CA TYR C 136 -14.97 -0.88 31.75
C TYR C 136 -16.13 0.04 31.37
N SER C 137 -16.70 0.67 32.40
CA SER C 137 -17.64 1.77 32.22
C SER C 137 -16.90 3.08 32.36
N PRO C 138 -16.89 3.96 31.35
CA PRO C 138 -16.05 5.16 31.45
C PRO C 138 -16.43 6.09 32.59
N GLU C 139 -17.70 6.18 32.94
CA GLU C 139 -18.10 6.98 34.09
C GLU C 139 -17.73 6.33 35.43
N LYS C 140 -17.15 5.12 35.43
CA LYS C 140 -16.64 4.51 36.65
C LYS C 140 -15.13 4.26 36.64
N LEU C 141 -14.45 4.51 35.53
CA LEU C 141 -13.03 4.23 35.40
C LEU C 141 -12.21 5.41 35.91
N ASP C 142 -11.09 5.11 36.55
CA ASP C 142 -10.20 6.14 37.08
C ASP C 142 -8.80 5.87 36.54
N LEU C 143 -8.38 6.71 35.60
CA LEU C 143 -7.04 6.74 35.03
C LEU C 143 -6.48 8.16 35.13
N SER C 144 -6.87 8.89 36.17
CA SER C 144 -6.60 10.32 36.24
C SER C 144 -5.14 10.65 36.50
N SER C 145 -4.32 9.68 36.90
CA SER C 145 -2.90 9.93 37.10
C SER C 145 -2.08 9.79 35.82
N VAL C 146 -2.73 9.56 34.67
CA VAL C 146 -2.03 9.33 33.41
C VAL C 146 -2.51 10.35 32.39
N ASP C 147 -1.64 11.28 32.02
CA ASP C 147 -2.02 12.35 31.11
C ASP C 147 -2.15 11.87 29.67
N SER C 148 -1.41 10.84 29.27
CA SER C 148 -1.23 10.49 27.87
C SER C 148 -2.15 9.38 27.40
N LYS C 149 -3.09 8.95 28.24
CA LYS C 149 -4.01 7.88 27.86
C LYS C 149 -4.98 8.34 26.78
N THR C 150 -5.41 7.40 25.93
CA THR C 150 -6.49 7.65 24.99
C THR C 150 -7.48 6.50 25.06
N GLU C 151 -8.69 6.78 24.58
CA GLU C 151 -9.83 5.88 24.75
C GLU C 151 -10.56 5.71 23.43
N THR C 152 -11.09 4.51 23.20
CA THR C 152 -12.00 4.27 22.09
C THR C 152 -13.07 3.27 22.53
N VAL C 153 -14.08 3.10 21.67
CA VAL C 153 -15.09 2.06 21.85
C VAL C 153 -15.18 1.26 20.55
N VAL C 154 -15.07 -0.06 20.65
CA VAL C 154 -15.11 -0.93 19.49
C VAL C 154 -16.26 -1.92 19.64
N GLU C 155 -16.61 -2.57 18.54
CA GLU C 155 -17.58 -3.66 18.52
C GLU C 155 -16.91 -4.91 17.97
N VAL C 156 -17.14 -6.03 18.63
CA VAL C 156 -16.60 -7.32 18.21
C VAL C 156 -17.78 -8.26 17.98
N ALA C 157 -17.72 -9.02 16.89
CA ALA C 157 -18.82 -9.93 16.55
C ALA C 157 -18.62 -11.24 17.30
N THR C 158 -19.58 -11.59 18.15
CA THR C 158 -19.43 -12.89 18.79
C THR C 158 -19.99 -14.00 17.94
N SER C 159 -21.13 -13.76 17.30
CA SER C 159 -21.70 -14.56 16.22
C SER C 159 -22.74 -13.70 15.51
N GLU C 160 -23.54 -14.33 14.64
CA GLU C 160 -24.23 -13.67 13.54
C GLU C 160 -25.01 -12.43 14.00
N ASN C 161 -25.80 -12.54 15.09
CA ASN C 161 -26.73 -11.49 15.47
C ASN C 161 -26.32 -10.85 16.79
N LYS C 162 -25.01 -10.66 17.01
CA LYS C 162 -24.56 -10.10 18.29
C LYS C 162 -23.21 -9.41 18.11
N HIS C 163 -23.21 -8.07 18.08
CA HIS C 163 -21.98 -7.28 18.03
C HIS C 163 -21.80 -6.58 19.38
N GLU C 164 -20.92 -7.13 20.21
CA GLU C 164 -20.75 -6.64 21.57
C GLU C 164 -19.84 -5.41 21.58
N ALA C 165 -20.33 -4.34 22.20
CA ALA C 165 -19.53 -3.13 22.37
C ALA C 165 -18.65 -3.22 23.60
N SER C 166 -17.48 -2.61 23.54
CA SER C 166 -16.61 -2.55 24.70
C SER C 166 -15.67 -1.36 24.56
N TYR C 167 -15.37 -0.72 25.69
CA TYR C 167 -14.45 0.39 25.76
C TYR C 167 -13.02 -0.11 25.89
N LEU C 168 -12.08 0.70 25.42
CA LEU C 168 -10.66 0.36 25.51
C LEU C 168 -9.88 1.65 25.75
N SER C 169 -8.99 1.60 26.74
CA SER C 169 -8.06 2.68 27.01
C SER C 169 -6.63 2.14 26.92
N THR C 170 -5.71 2.99 26.46
CA THR C 170 -4.32 2.59 26.36
C THR C 170 -3.44 3.78 26.73
N TYR C 171 -2.27 3.46 27.26
CA TYR C 171 -1.17 4.40 27.39
C TYR C 171 0.13 3.61 27.42
N TRP C 172 1.20 4.22 26.95
CA TRP C 172 2.45 3.51 26.77
C TRP C 172 3.59 4.30 27.40
N ALA C 173 4.65 3.57 27.73
CA ALA C 173 5.82 4.14 28.39
C ALA C 173 7.01 3.23 28.16
N LYS C 174 8.20 3.77 28.40
CA LYS C 174 9.37 2.90 28.51
C LYS C 174 9.17 1.90 29.63
N LYS C 175 9.62 0.66 29.41
CA LYS C 175 9.42 -0.42 30.37
C LYS C 175 9.66 0.01 31.81
N ASP C 176 10.84 0.57 32.09
CA ASP C 176 11.24 0.97 33.44
C ASP C 176 10.55 2.26 33.93
N GLU C 177 9.58 2.80 33.19
CA GLU C 177 8.82 3.97 33.60
C GLU C 177 7.32 3.73 33.56
N MET C 178 6.89 2.48 33.36
CA MET C 178 5.48 2.17 33.16
C MET C 178 4.87 1.72 34.47
N GLN C 179 3.71 2.27 34.79
CA GLN C 179 2.89 1.86 35.92
C GLN C 179 1.50 1.57 35.38
N CYS C 180 1.23 0.30 35.10
CA CYS C 180 0.02 -0.10 34.41
C CYS C 180 -1.02 -0.54 35.45
N GLY C 181 -2.04 0.27 35.63
CA GLY C 181 -3.11 -0.03 36.55
C GLY C 181 -4.25 0.96 36.38
N ALA C 182 -5.26 0.81 37.23
CA ALA C 182 -6.46 1.63 37.15
C ALA C 182 -7.32 1.32 38.36
N LYS C 183 -8.25 2.22 38.65
CA LYS C 183 -9.30 1.96 39.61
C LYS C 183 -10.65 2.03 38.90
N HIS C 184 -11.64 1.35 39.48
CA HIS C 184 -12.95 1.23 38.86
C HIS C 184 -13.97 0.97 39.96
N GLU C 185 -15.00 1.82 40.03
CA GLU C 185 -16.08 1.64 40.99
C GLU C 185 -16.61 0.21 40.96
N GLY C 186 -16.72 -0.40 42.13
CA GLY C 186 -17.18 -1.77 42.24
C GLY C 186 -16.12 -2.83 42.00
N PHE C 187 -14.91 -2.45 41.58
CA PHE C 187 -13.84 -3.42 41.37
C PHE C 187 -12.53 -3.01 42.03
N GLY C 188 -12.52 -1.93 42.82
CA GLY C 188 -11.34 -1.53 43.55
C GLY C 188 -10.18 -1.16 42.64
N ILE C 189 -9.00 -1.68 42.95
CA ILE C 189 -7.76 -1.33 42.25
C ILE C 189 -7.37 -2.48 41.33
N LEU C 190 -7.07 -2.18 40.07
CA LEU C 190 -6.61 -3.17 39.11
C LEU C 190 -5.14 -2.94 38.79
N LYS C 191 -4.40 -4.03 38.62
CA LYS C 191 -3.01 -3.99 38.20
C LYS C 191 -2.75 -5.12 37.20
N GLY C 192 -1.85 -4.87 36.26
CA GLY C 192 -1.54 -5.84 35.22
C GLY C 192 -0.37 -6.73 35.57
N ASP C 193 -0.51 -8.02 35.23
CA ASP C 193 0.56 -9.00 35.39
C ASP C 193 1.39 -9.08 34.11
N ASP C 194 2.54 -9.73 34.21
CA ASP C 194 3.29 -10.13 33.03
C ASP C 194 4.35 -11.15 33.44
N PRO C 195 4.82 -11.99 32.50
CA PRO C 195 5.95 -12.89 32.69
C PRO C 195 7.17 -12.49 31.86
N GLU D 1 -15.18 8.40 -7.01
CA GLU D 1 -16.14 9.31 -7.62
C GLU D 1 -15.68 10.76 -7.47
N ILE D 2 -15.09 11.11 -6.32
CA ILE D 2 -14.50 12.43 -6.12
C ILE D 2 -13.18 12.24 -5.37
N ASN D 3 -12.08 12.65 -6.01
CA ASN D 3 -10.73 12.34 -5.55
C ASN D 3 -9.98 13.61 -5.18
N GLN D 4 -9.20 13.55 -4.11
CA GLN D 4 -8.32 14.63 -3.69
C GLN D 4 -7.21 14.04 -2.82
N PRO D 5 -6.02 14.64 -2.80
CA PRO D 5 -4.93 14.10 -1.99
C PRO D 5 -5.32 13.98 -0.51
N SER D 6 -4.76 12.96 0.13
CA SER D 6 -5.04 12.68 1.54
C SER D 6 -4.27 13.62 2.46
N ILE D 7 -2.96 13.71 2.30
CA ILE D 7 -2.10 14.48 3.20
C ILE D 7 -1.10 15.27 2.38
N LEU D 8 -0.88 16.52 2.79
CA LEU D 8 0.16 17.38 2.23
C LEU D 8 0.83 18.14 3.35
N VAL D 9 2.15 18.23 3.29
CA VAL D 9 2.95 18.98 4.25
C VAL D 9 3.80 19.97 3.47
N LEU D 10 3.73 21.25 3.85
CA LEU D 10 4.48 22.28 3.16
C LEU D 10 5.38 23.01 4.14
N LYS D 11 6.48 23.54 3.62
CA LYS D 11 7.32 24.49 4.32
C LYS D 11 6.80 25.90 4.07
N GLU D 12 7.15 26.80 5.00
CA GLU D 12 6.71 28.19 4.91
C GLU D 12 7.17 28.83 3.60
N ASP D 13 6.30 29.65 3.02
CA ASP D 13 6.52 30.40 1.78
C ASP D 13 6.48 29.51 0.54
N GLU D 14 6.27 28.21 0.69
CA GLU D 14 6.20 27.32 -0.46
C GLU D 14 4.84 27.45 -1.15
N ASN D 15 4.85 27.23 -2.46
CA ASN D 15 3.64 27.22 -3.27
C ASN D 15 3.30 25.80 -3.66
N ALA D 16 2.02 25.44 -3.58
CA ALA D 16 1.58 24.12 -3.97
C ALA D 16 0.16 24.19 -4.51
N THR D 17 -0.25 23.12 -5.18
CA THR D 17 -1.57 22.98 -5.77
C THR D 17 -2.23 21.72 -5.22
N LEU D 18 -3.49 21.84 -4.80
CA LEU D 18 -4.32 20.68 -4.50
C LEU D 18 -5.35 20.55 -5.61
N SER D 19 -5.42 19.36 -6.21
CA SER D 19 -6.27 19.13 -7.37
C SER D 19 -7.38 18.15 -7.00
N CYS D 20 -8.62 18.56 -7.22
CA CYS D 20 -9.78 17.72 -6.98
C CYS D 20 -10.35 17.23 -8.31
N ARG D 21 -10.86 16.00 -8.30
CA ARG D 21 -11.36 15.37 -9.52
C ARG D 21 -12.64 14.62 -9.22
N GLN D 22 -13.63 14.78 -10.09
CA GLN D 22 -14.89 14.07 -10.00
C GLN D 22 -15.28 13.55 -11.37
N ASN D 23 -16.07 12.48 -11.39
CA ASN D 23 -16.35 11.76 -12.63
C ASN D 23 -17.83 11.73 -13.01
N ASP D 24 -18.65 12.66 -12.51
CA ASP D 24 -20.05 12.67 -12.91
C ASP D 24 -20.44 13.96 -13.62
N ASN D 25 -19.51 14.58 -14.35
CA ASN D 25 -19.80 15.73 -15.21
C ASN D 25 -20.52 16.84 -14.44
N HIS D 26 -20.09 17.09 -13.21
CA HIS D 26 -20.73 18.11 -12.39
C HIS D 26 -20.24 19.50 -12.81
N ASP D 27 -21.17 20.42 -12.99
CA ASP D 27 -20.80 21.79 -13.35
C ASP D 27 -20.15 22.52 -12.17
N TYR D 28 -20.70 22.33 -10.97
CA TYR D 28 -20.25 23.05 -9.78
C TYR D 28 -19.15 22.27 -9.07
N MET D 29 -18.05 22.95 -8.77
CA MET D 29 -17.00 22.41 -7.91
C MET D 29 -16.56 23.51 -6.95
N SER D 30 -16.03 23.11 -5.80
CA SER D 30 -15.75 24.07 -4.75
C SER D 30 -14.71 23.50 -3.79
N TRP D 31 -13.97 24.41 -3.15
CA TRP D 31 -12.99 24.05 -2.13
C TRP D 31 -13.40 24.69 -0.81
N TYR D 32 -13.50 23.86 0.22
CA TYR D 32 -13.91 24.28 1.55
C TYR D 32 -12.75 24.10 2.53
N LEU D 33 -12.66 25.00 3.49
CA LEU D 33 -11.68 24.94 4.56
C LEU D 33 -12.39 24.54 5.85
N GLN D 34 -11.80 23.60 6.60
CA GLN D 34 -12.34 23.20 7.90
C GLN D 34 -11.27 23.40 8.97
N GLN D 35 -11.49 24.35 9.87
CA GLN D 35 -10.65 24.54 11.03
C GLN D 35 -11.41 24.17 12.32
N PRO D 36 -10.68 23.72 13.35
CA PRO D 36 -11.30 23.37 14.64
C PRO D 36 -12.27 24.42 15.19
N GLY D 37 -13.51 24.03 15.44
CA GLY D 37 -14.49 24.90 16.05
C GLY D 37 -15.18 25.83 15.09
N LYS D 38 -14.71 25.93 13.85
CA LYS D 38 -15.38 26.68 12.81
C LYS D 38 -16.22 25.73 11.98
N GLY D 39 -16.97 26.28 11.04
CA GLY D 39 -17.87 25.48 10.25
C GLY D 39 -17.09 25.03 9.02
N LEU D 40 -17.59 25.37 7.85
CA LEU D 40 -16.90 25.05 6.60
C LEU D 40 -16.95 26.33 5.79
N GLN D 41 -15.79 26.92 5.55
CA GLN D 41 -15.67 28.19 4.85
C GLN D 41 -15.33 27.96 3.39
N LEU D 42 -16.02 28.67 2.51
CA LEU D 42 -15.81 28.56 1.08
C LEU D 42 -14.54 29.31 0.69
N ILE D 43 -13.58 28.59 0.14
CA ILE D 43 -12.34 29.22 -0.34
C ILE D 43 -12.49 29.68 -1.78
N TYR D 44 -13.07 28.83 -2.63
CA TYR D 44 -13.13 29.05 -4.06
C TYR D 44 -14.16 28.10 -4.63
N SER D 45 -14.99 28.60 -5.53
CA SER D 45 -15.98 27.79 -6.21
C SER D 45 -15.80 27.94 -7.71
N SER D 46 -16.52 27.09 -8.45
CA SER D 46 -16.46 27.13 -9.91
C SER D 46 -17.81 26.70 -10.45
N TYR D 47 -18.37 27.50 -11.36
CA TYR D 47 -19.63 27.17 -11.99
C TYR D 47 -19.46 26.39 -13.28
N GLY D 48 -18.22 26.24 -13.73
CA GLY D 48 -17.94 25.53 -14.97
C GLY D 48 -16.52 25.77 -15.40
N VAL D 49 -16.20 25.20 -16.57
CA VAL D 49 -14.84 25.21 -17.10
C VAL D 49 -14.28 26.61 -17.14
N LYS D 50 -13.08 26.80 -16.57
CA LYS D 50 -12.36 28.06 -16.60
C LYS D 50 -13.17 29.22 -15.99
N GLN D 51 -13.98 28.91 -14.98
CA GLN D 51 -14.73 29.91 -14.24
C GLN D 51 -14.49 29.66 -12.77
N GLU D 52 -14.07 30.70 -12.05
CA GLU D 52 -13.71 30.61 -10.65
C GLU D 52 -14.32 31.79 -9.90
N ASN D 53 -14.83 31.54 -8.70
CA ASN D 53 -15.35 32.59 -7.85
C ASN D 53 -14.61 32.57 -6.53
N LYS D 54 -14.13 33.74 -6.12
CA LYS D 54 -13.48 33.85 -4.83
C LYS D 54 -14.52 33.71 -3.73
N GLY D 55 -14.20 32.93 -2.71
CA GLY D 55 -15.03 32.84 -1.53
C GLY D 55 -14.62 33.90 -0.54
N ASP D 56 -15.26 33.85 0.62
CA ASP D 56 -15.04 34.89 1.63
C ASP D 56 -13.58 34.94 2.10
N ILE D 57 -12.90 33.80 2.16
CA ILE D 57 -11.58 33.72 2.77
C ILE D 57 -10.51 33.48 1.70
N HIS D 58 -10.80 33.92 0.47
CA HIS D 58 -9.97 33.61 -0.69
C HIS D 58 -8.52 34.10 -0.57
N THR D 59 -8.25 35.08 0.28
CA THR D 59 -6.92 35.71 0.27
C THR D 59 -5.85 34.71 0.70
N GLY D 60 -4.85 34.52 -0.17
CA GLY D 60 -3.84 33.50 0.00
C GLY D 60 -4.07 32.27 -0.85
N TYR D 61 -5.11 32.27 -1.69
CA TYR D 61 -5.41 31.16 -2.57
C TYR D 61 -5.69 31.69 -3.97
N GLU D 62 -5.36 30.88 -4.97
CA GLU D 62 -5.85 31.05 -6.32
C GLU D 62 -6.47 29.74 -6.75
N ALA D 63 -7.19 29.75 -7.87
CA ALA D 63 -7.81 28.51 -8.32
C ALA D 63 -7.88 28.51 -9.84
N LYS D 64 -8.21 27.35 -10.39
CA LYS D 64 -8.30 27.18 -11.83
C LYS D 64 -9.16 25.95 -12.12
N ARG D 65 -10.25 26.14 -12.84
CA ARG D 65 -11.08 25.02 -13.29
C ARG D 65 -10.61 24.66 -14.69
N SER D 66 -9.54 23.85 -14.73
CA SER D 66 -8.88 23.52 -15.99
C SER D 66 -9.77 22.74 -16.93
N SER D 67 -10.69 21.93 -16.39
CA SER D 67 -11.59 21.14 -17.20
C SER D 67 -12.85 20.86 -16.39
N GLN D 68 -13.78 20.11 -17.00
CA GLN D 68 -15.02 19.79 -16.31
C GLN D 68 -14.78 18.85 -15.13
N GLU D 69 -13.71 18.06 -15.20
CA GLU D 69 -13.43 17.06 -14.17
C GLU D 69 -12.56 17.57 -13.03
N VAL D 70 -11.74 18.60 -13.26
CA VAL D 70 -10.68 18.97 -12.34
C VAL D 70 -10.85 20.42 -11.90
N PHE D 71 -10.68 20.66 -10.61
CA PHE D 71 -10.66 22.00 -10.04
C PHE D 71 -9.43 22.12 -9.14
N HIS D 72 -8.47 22.95 -9.53
CA HIS D 72 -7.24 23.12 -8.78
C HIS D 72 -7.39 24.25 -7.78
N LEU D 73 -6.78 24.06 -6.60
CA LEU D 73 -6.65 25.11 -5.60
C LEU D 73 -5.17 25.36 -5.36
N ASP D 74 -4.74 26.62 -5.47
CA ASP D 74 -3.34 26.96 -5.36
C ASP D 74 -3.08 27.69 -4.06
N ILE D 75 -2.11 27.22 -3.30
CA ILE D 75 -1.67 27.88 -2.08
C ILE D 75 -0.51 28.81 -2.41
N ILE D 76 -0.67 30.09 -2.10
CA ILE D 76 0.31 31.11 -2.43
C ILE D 76 1.14 31.43 -1.20
N SER D 77 2.45 31.16 -1.26
CA SER D 77 3.39 31.47 -0.19
C SER D 77 2.88 30.99 1.16
N ALA D 78 2.71 29.67 1.26
CA ALA D 78 2.08 29.04 2.42
C ALA D 78 2.62 29.59 3.74
N LYS D 79 1.70 29.97 4.63
CA LYS D 79 1.97 30.36 6.00
C LYS D 79 1.26 29.44 6.97
N LYS D 80 1.59 29.57 8.26
CA LYS D 80 1.05 28.66 9.26
C LYS D 80 -0.46 28.74 9.41
N ASN D 81 -1.10 29.81 8.90
CA ASN D 81 -2.56 29.90 8.87
C ASN D 81 -3.19 29.04 7.78
N HIS D 82 -2.40 28.52 6.84
CA HIS D 82 -2.94 27.66 5.79
C HIS D 82 -3.26 26.27 6.32
N SER D 83 -2.64 25.86 7.44
CA SER D 83 -2.88 24.55 8.01
C SER D 83 -4.35 24.36 8.35
N ALA D 84 -4.95 23.30 7.81
CA ALA D 84 -6.38 23.05 7.89
C ALA D 84 -6.63 21.71 7.22
N ILE D 85 -7.88 21.24 7.32
CA ILE D 85 -8.36 20.18 6.43
C ILE D 85 -9.10 20.85 5.28
N TYR D 86 -8.74 20.47 4.05
CA TYR D 86 -9.34 21.01 2.84
C TYR D 86 -10.31 20.01 2.24
N PHE D 87 -11.54 20.45 1.97
CA PHE D 87 -12.54 19.58 1.36
C PHE D 87 -12.95 20.12 0.00
N CYS D 88 -12.85 19.27 -1.02
CA CYS D 88 -13.47 19.51 -2.31
C CYS D 88 -14.91 19.04 -2.31
N ALA D 89 -15.78 19.78 -2.99
CA ALA D 89 -17.14 19.32 -3.19
C ALA D 89 -17.63 19.71 -4.58
N SER D 90 -18.53 18.90 -5.12
CA SER D 90 -19.13 19.13 -6.43
C SER D 90 -20.64 18.99 -6.35
N SER D 91 -21.32 19.54 -7.34
CA SER D 91 -22.77 19.36 -7.47
C SER D 91 -23.15 19.44 -8.94
N SER D 92 -24.27 18.79 -9.28
CA SER D 92 -24.77 18.79 -10.65
C SER D 92 -24.81 20.19 -11.23
N TYR D 93 -25.56 21.09 -10.59
CA TYR D 93 -25.56 22.51 -10.89
C TYR D 93 -25.32 23.28 -9.59
N LYS D 94 -25.12 24.58 -9.73
CA LYS D 94 -24.76 25.45 -8.61
C LYS D 94 -25.94 25.78 -7.71
N GLY D 95 -27.08 25.16 -7.93
CA GLY D 95 -28.29 25.51 -7.23
C GLY D 95 -28.41 24.89 -5.86
N ASN D 96 -29.61 24.39 -5.58
CA ASN D 96 -30.08 23.97 -4.26
C ASN D 96 -29.94 22.48 -4.06
N THR D 97 -28.94 21.91 -4.64
CA THR D 97 -28.62 20.52 -4.82
C THR D 97 -27.71 20.08 -3.69
N PRO D 98 -27.66 18.79 -3.39
CA PRO D 98 -26.74 18.35 -2.35
C PRO D 98 -25.31 18.40 -2.86
N LEU D 99 -24.39 18.63 -1.92
CA LEU D 99 -22.98 18.65 -2.22
C LEU D 99 -22.41 17.26 -2.01
N ASN D 100 -21.50 16.87 -2.89
CA ASN D 100 -20.78 15.61 -2.77
C ASN D 100 -19.34 15.94 -2.38
N PHE D 101 -18.91 15.46 -1.22
CA PHE D 101 -17.63 15.88 -0.69
C PHE D 101 -16.57 14.81 -0.90
N GLY D 102 -15.33 15.26 -1.07
CA GLY D 102 -14.20 14.38 -1.01
C GLY D 102 -13.91 14.01 0.43
N GLN D 103 -12.89 13.18 0.60
CA GLN D 103 -12.53 12.69 1.93
C GLN D 103 -11.55 13.62 2.63
N GLY D 104 -11.06 14.63 1.95
CA GLY D 104 -10.38 15.73 2.61
C GLY D 104 -8.86 15.63 2.51
N THR D 105 -8.21 16.78 2.48
CA THR D 105 -6.76 16.88 2.48
C THR D 105 -6.33 17.55 3.77
N ARG D 106 -5.55 16.83 4.58
CA ARG D 106 -4.99 17.43 5.78
C ARG D 106 -3.67 18.09 5.39
N LEU D 107 -3.66 19.42 5.38
CA LEU D 107 -2.49 20.19 5.06
C LEU D 107 -1.93 20.82 6.33
N THR D 108 -0.63 20.64 6.56
CA THR D 108 0.06 21.36 7.61
C THR D 108 1.25 22.08 7.00
N VAL D 109 1.46 23.31 7.47
CA VAL D 109 2.57 24.16 7.04
C VAL D 109 3.55 24.19 8.18
N LEU D 110 4.82 23.91 7.88
CA LEU D 110 5.82 23.73 8.90
C LEU D 110 6.57 25.03 9.08
N GLY D 111 7.17 25.19 10.26
CA GLY D 111 8.16 26.22 10.39
C GLY D 111 9.44 25.79 9.70
N LYS D 112 10.22 26.80 9.33
CA LYS D 112 11.48 26.56 8.63
C LYS D 112 12.47 25.81 9.52
N ASN D 113 12.41 25.98 10.84
CA ASN D 113 13.30 25.24 11.73
C ASN D 113 12.69 23.91 12.16
N SER D 114 11.52 23.54 11.63
CA SER D 114 10.87 22.27 11.88
C SER D 114 11.12 21.32 10.71
N GLU D 115 11.09 20.02 10.99
CA GLU D 115 11.35 19.00 9.99
C GLU D 115 10.37 17.85 10.17
N ILE D 116 10.12 17.13 9.09
CA ILE D 116 9.25 15.96 9.16
C ILE D 116 10.05 14.79 9.71
N ILE D 117 9.45 14.06 10.65
CA ILE D 117 10.03 12.84 11.19
C ILE D 117 9.04 11.71 10.96
N GLU D 118 9.52 10.63 10.38
CA GLU D 118 8.65 9.49 10.13
C GLU D 118 8.35 8.79 11.45
N PRO D 119 7.26 8.04 11.51
CA PRO D 119 6.90 7.38 12.76
C PRO D 119 7.61 6.05 12.93
N ASP D 120 7.75 5.66 14.19
CA ASP D 120 8.14 4.30 14.54
C ASP D 120 6.85 3.55 14.79
N VAL D 121 6.66 2.44 14.09
CA VAL D 121 5.40 1.71 14.10
C VAL D 121 5.68 0.33 14.69
N VAL D 122 4.86 -0.08 15.66
CA VAL D 122 4.99 -1.37 16.30
C VAL D 122 3.59 -1.91 16.58
N ILE D 123 3.48 -3.23 16.68
CA ILE D 123 2.26 -3.89 17.10
C ILE D 123 2.61 -4.70 18.34
N PHE D 124 1.88 -4.44 19.42
CA PHE D 124 2.05 -5.21 20.64
C PHE D 124 1.37 -6.56 20.51
N SER D 125 2.04 -7.60 20.98
CA SER D 125 1.43 -8.91 21.03
C SER D 125 0.24 -8.88 21.97
N PRO D 126 -0.89 -9.49 21.61
CA PRO D 126 -2.03 -9.48 22.52
C PRO D 126 -1.72 -10.26 23.78
N SER D 127 -2.39 -9.85 24.87
CA SER D 127 -2.21 -10.52 26.15
C SER D 127 -2.87 -11.89 26.13
N LYS D 128 -2.11 -12.94 26.45
CA LYS D 128 -2.72 -14.26 26.54
C LYS D 128 -3.75 -14.33 27.66
N GLN D 129 -3.56 -13.52 28.72
CA GLN D 129 -4.56 -13.48 29.78
C GLN D 129 -5.88 -12.91 29.26
N GLU D 130 -5.82 -11.84 28.47
CA GLU D 130 -7.05 -11.32 27.87
C GLU D 130 -7.74 -12.38 27.01
N ILE D 131 -6.96 -13.05 26.16
CA ILE D 131 -7.51 -14.10 25.31
C ILE D 131 -8.19 -15.18 26.16
N GLN D 132 -7.53 -15.60 27.23
CA GLN D 132 -8.12 -16.58 28.14
C GLN D 132 -9.39 -16.02 28.80
N GLU D 133 -9.27 -14.87 29.45
CA GLU D 133 -10.38 -14.34 30.25
C GLU D 133 -11.54 -13.88 29.37
N LYS D 134 -11.26 -13.19 28.27
CA LYS D 134 -12.30 -12.52 27.47
C LYS D 134 -12.62 -13.25 26.18
N LYS D 135 -11.85 -14.26 25.79
CA LYS D 135 -11.99 -14.92 24.49
C LYS D 135 -11.90 -13.90 23.36
N LYS D 136 -11.00 -12.93 23.51
CA LYS D 136 -10.82 -11.83 22.59
C LYS D 136 -9.36 -11.40 22.66
N ALA D 137 -8.81 -10.98 21.52
CA ALA D 137 -7.44 -10.49 21.45
C ALA D 137 -7.47 -9.06 20.94
N THR D 138 -6.91 -8.15 21.73
CA THR D 138 -6.78 -6.75 21.32
C THR D 138 -5.37 -6.55 20.77
N LEU D 139 -5.31 -6.19 19.50
CA LEU D 139 -4.04 -5.88 18.84
C LEU D 139 -3.89 -4.36 18.87
N VAL D 140 -2.82 -3.88 19.48
CA VAL D 140 -2.60 -2.45 19.64
C VAL D 140 -1.43 -2.06 18.75
N CYS D 141 -1.68 -1.12 17.86
CA CYS D 141 -0.66 -0.58 16.97
C CYS D 141 -0.29 0.81 17.43
N LEU D 142 1.00 1.07 17.58
CA LEU D 142 1.49 2.36 18.05
C LEU D 142 2.41 2.97 16.99
N ALA D 143 2.08 4.16 16.54
CA ALA D 143 3.00 4.97 15.75
C ALA D 143 3.46 6.11 16.65
N SER D 144 4.77 6.24 16.84
CA SER D 144 5.30 7.22 17.78
C SER D 144 6.55 7.85 17.22
N GLY D 145 6.95 8.96 17.83
CA GLY D 145 8.16 9.65 17.44
C GLY D 145 8.04 10.48 16.18
N PHE D 146 6.82 10.71 15.69
CA PHE D 146 6.65 11.39 14.41
C PHE D 146 6.28 12.85 14.61
N PHE D 147 6.49 13.63 13.54
CA PHE D 147 6.14 15.03 13.47
C PHE D 147 5.91 15.33 11.99
N PRO D 148 4.92 16.17 11.65
CA PRO D 148 3.92 16.91 12.44
C PRO D 148 2.80 16.01 12.96
N ASP D 149 1.74 16.63 13.49
CA ASP D 149 0.82 15.96 14.38
C ASP D 149 -0.18 15.05 13.68
N HIS D 150 -0.34 15.14 12.36
CA HIS D 150 -1.37 14.37 11.67
C HIS D 150 -0.74 13.21 10.93
N LEU D 151 -1.21 12.01 11.26
CA LEU D 151 -0.85 10.79 10.56
C LEU D 151 -2.11 9.94 10.46
N ASN D 152 -2.14 9.01 9.51
CA ASN D 152 -3.29 8.12 9.37
C ASN D 152 -2.85 6.70 9.71
N LEU D 153 -3.67 6.02 10.51
CA LEU D 153 -3.41 4.66 10.95
C LEU D 153 -4.62 3.81 10.59
N VAL D 154 -4.40 2.75 9.82
CA VAL D 154 -5.47 1.89 9.33
C VAL D 154 -5.02 0.44 9.43
N TRP D 155 -5.98 -0.46 9.31
CA TRP D 155 -5.75 -1.89 9.48
C TRP D 155 -6.18 -2.64 8.22
N LYS D 156 -5.38 -3.61 7.83
CA LYS D 156 -5.76 -4.62 6.85
C LYS D 156 -5.71 -5.99 7.51
N VAL D 157 -6.65 -6.85 7.15
CA VAL D 157 -6.60 -8.26 7.54
C VAL D 157 -6.65 -9.09 6.27
N ASN D 158 -5.63 -9.92 6.09
CA ASN D 158 -5.44 -10.71 4.88
C ASN D 158 -5.63 -9.85 3.63
N GLY D 159 -4.92 -8.73 3.59
CA GLY D 159 -4.92 -7.80 2.48
C GLY D 159 -6.20 -7.03 2.24
N VAL D 160 -7.23 -7.19 3.07
CA VAL D 160 -8.48 -6.45 2.93
C VAL D 160 -8.61 -5.45 4.08
N LYS D 161 -8.92 -4.20 3.74
CA LYS D 161 -9.21 -3.16 4.73
C LYS D 161 -10.22 -3.62 5.77
N ARG D 162 -9.93 -3.35 7.04
CA ARG D 162 -10.76 -3.79 8.15
C ARG D 162 -11.16 -2.59 9.01
N THR D 163 -12.44 -2.52 9.37
CA THR D 163 -12.92 -1.47 10.25
C THR D 163 -13.68 -2.05 11.44
N GLU D 164 -14.30 -3.22 11.24
CA GLU D 164 -15.02 -3.87 12.32
C GLU D 164 -14.05 -4.29 13.41
N GLY D 165 -14.28 -3.83 14.63
CA GLY D 165 -13.38 -4.09 15.72
C GLY D 165 -12.24 -3.12 15.88
N VAL D 166 -12.20 -2.05 15.08
CA VAL D 166 -11.09 -1.10 15.11
C VAL D 166 -11.55 0.15 15.87
N GLY D 167 -10.71 0.61 16.79
CA GLY D 167 -10.86 1.95 17.33
C GLY D 167 -9.54 2.69 17.25
N THR D 168 -9.52 3.78 16.51
CA THR D 168 -8.32 4.55 16.24
C THR D 168 -8.44 5.93 16.90
N ASP D 169 -7.41 6.34 17.62
CA ASP D 169 -7.39 7.70 18.16
C ASP D 169 -7.68 8.71 17.04
N GLU D 170 -8.55 9.67 17.35
CA GLU D 170 -8.87 10.71 16.39
C GLU D 170 -7.82 11.83 16.41
N ILE D 171 -7.16 12.02 17.55
CA ILE D 171 -6.19 13.09 17.71
C ILE D 171 -4.89 12.48 18.22
N SER D 172 -3.77 12.97 17.71
CA SER D 172 -2.46 12.51 18.14
C SER D 172 -2.14 13.02 19.53
N THR D 173 -1.29 12.29 20.24
CA THR D 173 -0.88 12.64 21.59
C THR D 173 0.51 13.26 21.53
N SER D 174 0.64 14.44 22.14
CA SER D 174 1.89 15.17 22.17
C SER D 174 2.78 14.58 23.25
N ASN D 175 3.96 14.12 22.87
CA ASN D 175 4.95 13.60 23.81
C ASN D 175 6.21 14.44 23.62
N GLY D 176 6.30 15.54 24.35
CA GLY D 176 7.49 16.35 24.26
C GLY D 176 7.44 17.20 23.01
N SER D 177 8.31 16.89 22.05
CA SER D 177 8.33 17.62 20.79
C SER D 177 7.87 16.76 19.64
N THR D 178 7.44 15.54 19.92
CA THR D 178 7.04 14.53 18.96
C THR D 178 5.59 14.15 19.23
N TYR D 179 5.02 13.32 18.36
CA TYR D 179 3.63 12.90 18.50
C TYR D 179 3.53 11.39 18.38
N SER D 180 2.52 10.83 19.06
CA SER D 180 2.18 9.43 18.91
C SER D 180 0.70 9.29 18.59
N LEU D 181 0.34 8.16 18.02
CA LEU D 181 -1.04 7.83 17.69
C LEU D 181 -1.23 6.33 17.90
N THR D 182 -2.36 5.95 18.47
CA THR D 182 -2.62 4.55 18.79
C THR D 182 -3.92 4.12 18.12
N SER D 183 -3.93 2.89 17.62
CA SER D 183 -5.12 2.26 17.06
C SER D 183 -5.20 0.86 17.61
N ARG D 184 -6.42 0.39 17.84
CA ARG D 184 -6.60 -0.97 18.35
C ARG D 184 -7.55 -1.73 17.44
N LEU D 185 -7.25 -2.99 17.22
CA LEU D 185 -8.13 -3.92 16.52
C LEU D 185 -8.40 -5.06 17.49
N ARG D 186 -9.67 -5.21 17.89
CA ARG D 186 -10.06 -6.26 18.81
C ARG D 186 -10.82 -7.33 18.05
N ILE D 187 -10.40 -8.58 18.21
CA ILE D 187 -10.94 -9.69 17.45
C ILE D 187 -11.26 -10.84 18.39
N SER D 188 -12.16 -11.70 17.94
CA SER D 188 -12.44 -12.92 18.70
C SER D 188 -11.19 -13.78 18.74
N ALA D 189 -11.09 -14.60 19.78
CA ALA D 189 -9.96 -15.52 19.89
C ALA D 189 -9.95 -16.51 18.72
N GLN D 190 -11.12 -16.79 18.15
CA GLN D 190 -11.21 -17.70 17.02
C GLN D 190 -10.49 -17.13 15.81
N GLU D 191 -10.69 -15.83 15.55
CA GLU D 191 -9.97 -15.15 14.49
C GLU D 191 -8.48 -15.08 14.78
N TRP D 192 -8.10 -14.93 16.05
CA TRP D 192 -6.70 -14.78 16.40
C TRP D 192 -5.95 -16.10 16.30
N PHE D 193 -6.59 -17.22 16.65
CA PHE D 193 -5.90 -18.50 16.70
C PHE D 193 -5.94 -19.16 15.31
N ASN D 194 -5.26 -18.49 14.39
CA ASN D 194 -5.05 -18.91 13.02
C ASN D 194 -3.73 -18.33 12.55
N PRO D 195 -2.68 -19.14 12.41
CA PRO D 195 -1.36 -18.60 12.06
C PRO D 195 -1.26 -18.14 10.62
N LEU D 196 -2.28 -18.36 9.81
CA LEU D 196 -2.32 -17.80 8.46
C LEU D 196 -2.92 -16.39 8.43
N ASN D 197 -3.71 -16.02 9.44
CA ASN D 197 -4.32 -14.70 9.46
C ASN D 197 -3.25 -13.62 9.54
N ARG D 198 -3.25 -12.75 8.56
CA ARG D 198 -2.28 -11.67 8.43
C ARG D 198 -2.92 -10.36 8.89
N PHE D 199 -2.53 -9.87 10.07
CA PHE D 199 -3.07 -8.64 10.62
C PHE D 199 -2.07 -7.52 10.40
N GLU D 200 -2.50 -6.48 9.69
CA GLU D 200 -1.57 -5.47 9.17
C GLU D 200 -2.00 -4.08 9.63
N CYS D 201 -1.05 -3.36 10.24
CA CYS D 201 -1.25 -1.97 10.62
C CYS D 201 -0.40 -1.10 9.71
N ILE D 202 -1.02 -0.08 9.13
CA ILE D 202 -0.38 0.77 8.13
C ILE D 202 -0.42 2.22 8.59
N ALA D 203 0.74 2.87 8.62
CA ALA D 203 0.83 4.29 8.97
C ALA D 203 1.09 5.09 7.69
N ASN D 204 0.08 5.84 7.26
CA ASN D 204 0.21 6.71 6.09
C ASN D 204 0.57 8.12 6.53
N PHE D 205 1.61 8.68 5.93
CA PHE D 205 2.09 10.00 6.30
C PHE D 205 2.68 10.66 5.05
N PHE D 206 3.33 11.80 5.24
CA PHE D 206 3.93 12.56 4.14
C PHE D 206 5.36 12.90 4.53
N LYS D 207 6.30 12.62 3.61
CA LYS D 207 7.69 12.95 3.83
C LYS D 207 8.36 13.14 2.48
N ASN D 208 9.39 13.99 2.46
CA ASN D 208 10.20 14.23 1.26
C ASN D 208 9.34 14.45 0.02
N GLY D 209 8.30 15.27 0.16
CA GLY D 209 7.47 15.63 -0.98
C GLY D 209 6.56 14.56 -1.51
N THR D 210 6.38 13.44 -0.80
CA THR D 210 5.55 12.35 -1.28
C THR D 210 4.75 11.78 -0.12
N GLN D 211 3.69 11.05 -0.47
CA GLN D 211 3.00 10.24 0.52
C GLN D 211 3.75 8.92 0.71
N GLN D 212 4.01 8.56 1.95
CA GLN D 212 4.67 7.31 2.28
C GLN D 212 3.85 6.53 3.29
N SER D 213 3.98 5.21 3.26
CA SER D 213 3.32 4.36 4.23
C SER D 213 4.32 3.37 4.81
N ILE D 214 4.12 3.03 6.07
CA ILE D 214 4.90 2.02 6.78
C ILE D 214 3.91 0.92 7.16
N GLN D 215 4.29 -0.32 6.92
CA GLN D 215 3.40 -1.44 7.16
C GLN D 215 4.01 -2.34 8.22
N LYS D 216 3.18 -2.74 9.17
CA LYS D 216 3.59 -3.63 10.24
C LYS D 216 2.63 -4.82 10.24
N ILE D 217 3.17 -6.00 10.48
CA ILE D 217 2.41 -7.23 10.33
C ILE D 217 2.58 -8.06 11.59
N ILE D 218 1.50 -8.68 12.04
CA ILE D 218 1.58 -9.74 13.04
C ILE D 218 0.64 -10.84 12.59
N TYR D 219 1.09 -12.08 12.75
CA TYR D 219 0.31 -13.26 12.38
C TYR D 219 -0.29 -13.84 13.64
N GLY D 220 -1.53 -14.32 13.52
CA GLY D 220 -2.18 -14.97 14.65
C GLY D 220 -1.43 -16.21 15.11
N ASP D 221 -1.90 -16.76 16.22
CA ASP D 221 -1.26 -17.89 16.87
C ASP D 221 -1.92 -19.21 16.47
N THR D 222 -1.45 -20.29 17.07
CA THR D 222 -2.02 -21.61 16.84
C THR D 222 -2.90 -22.02 18.01
#